data_8ZDA
#
_entry.id   8ZDA
#
_cell.length_a   1.00
_cell.length_b   1.00
_cell.length_c   1.00
_cell.angle_alpha   90.00
_cell.angle_beta   90.00
_cell.angle_gamma   90.00
#
_symmetry.space_group_name_H-M   'P 1'
#
loop_
_entity.id
_entity.type
_entity.pdbx_description
1 polymer 'CRISPR-associated endonuclease Cas9'
2 polymer sgRNA
3 polymer 'Target DNA strand1'
4 polymer 'Non-target DNA strand'
5 polymer 'Target DNA strand2'
6 non-polymer 'MAGNESIUM ION'
7 water water
#
loop_
_entity_poly.entity_id
_entity_poly.type
_entity_poly.pdbx_seq_one_letter_code
_entity_poly.pdbx_strand_id
1 'polypeptide(L)'
;GSHMKRNYILGLDIGITSVGYGIIDYETRDVIDAGVRLFKEANVENNEGRRSKRGARRLKRRRRHRIQRVKKLLFDYNLL
TDHSELSGINPYEARVKGLSQKLSEEEFSAALLHLAKRRGVHNVNEVEEDTGNELSTKEQISRNSKALEEKYVAELQLER
LKKDGEVRGSINRFKTSDYVKEAKQLLKVQKAYHQLDQSFIDTYIDLLETRRTYYEGPGEGSPFGWKDIKEWYEMLMGHC
TYFPEELRSVKYAYNADLYNALNDLNNLVITRDENEKLEYYEKFQIIENVFKQKKKPTLKQIAKEILVNEEDIKGYRVTS
TGKPEFTNLKVYHDIKDITARKEIIENAELLDQIAKILTIYQSSEDIQEELTNLNSELTQEEIEQISNLKGYTGTHNLSL
KAINLILDELWHTNDAQIAIFNALKLVPKKVDLSQQKEIPTTLVDDFILSPVVKRSFIQSIKVINAIIKKYGLPNDIIIE
LAREKNSKDAQKMINEMQKRNRQTNERIEEIIRTTGKENAKYLIEKIKLHDMQEGKCLYSLEAIPLEDLLNNPFNYEVDH
IIPRSVSFDNSFNNKVLVKQEENSKKGNRTPFQYLSSSDSKISYETFKKHILNLAKGKGRISKTKKEYLLEERDINRFSV
QKDFINRNLVDTRYATRGLMNLLRSYFRVNNLDVKVKSINGGFTSFLRRKWKFKKERNKGYKHHAEDALIIANADFIFKE
WKKLDKAKKVMENQMFEEKQAESMPEIETEQEYKEIFITPHQIKHIKDFKDYKYSHRVDKKPNRKLINDTLYSTRKDDKG
NTRIVNNLNGLYDKDNDKLKKLINKSPEKLLMYHHDPQTYQKLKLIMEQYGDEKNPLYKYYEETGNYLTKYSKKDNGPVI
KKIKYYGNKLNAHLDITDDYPNSRNKVVKLSLKPYRFDVYLDNGVYKFVKVNNLDVIKKENYYEVNSKCYEEAKKLKKIS
NQAEFIASFYRNDLIKINGELYRVIGVASDLLNAIEVNMIDITYREYLENMNDKRPPRIFKTISSKTQSIKKYSTDILGN
LYEVKSKKHPQIIKKG
;
A
2 'polyribonucleotide'
;GGGAAAUUAGGUGCGCUUGGCGUUUUAGUACUCUGGAAACAGAAUCUACUAAAACAAGGCAAAAUGCCGUGUUUAUCUCG
UCAACUUGUUGGCGAGAUA
;
B
3 'polydeoxyribonucleotide' (DA)(DT)(DT)(DT)(DG)(DA)(DA)(DT)(DA)(DG)(DG)(DC)(DA)(DA)(DG)(SC)(SC) C
4 'polydeoxyribonucleotide'
;(DC)(DT)(DA)(DA)(DA)(DT)(DA)(DC)(DG)(DG)(DG)(DA)(DA)(DA)(DT)(DT)(DA)(DG)(DG)(DT)
(DG)(SC)(GS)(SC)(PST)(PST)(GS)(GS)(DC)(DT)(DT)(DG)(DC)(DC)(DT)(DA)(DT)(DT)(DC)
(DA)(DA)(DA)(DT)
;
D
5 'polydeoxyribonucleotide'
;(AS)(AS)(GS)(SC)(GS)(DC)(DA)(DC)(DC)(DT)(DA)(DA)(DT)(DT)(DT)(DC)(DC)(DC)(DG)(DT)
(DA)(DT)(DT)(DT)(DA)(DG)
;
E
#
# COMPACT_ATOMS: atom_id res chain seq x y z
N MET A 4 -11.04 42.20 -13.10
CA MET A 4 -11.88 43.43 -13.21
C MET A 4 -11.70 44.04 -14.61
N LYS A 5 -10.48 44.51 -14.91
CA LYS A 5 -10.16 45.19 -16.16
C LYS A 5 -8.72 44.91 -16.58
N ARG A 6 -7.74 45.18 -15.70
CA ARG A 6 -6.32 44.97 -15.97
C ARG A 6 -6.07 43.54 -16.42
N ASN A 7 -5.19 43.36 -17.44
CA ASN A 7 -4.87 42.06 -17.99
C ASN A 7 -3.59 41.54 -17.33
N TYR A 8 -3.48 40.22 -17.17
CA TYR A 8 -2.42 39.63 -16.37
C TYR A 8 -1.99 38.26 -16.88
N ILE A 9 -0.89 37.75 -16.30
CA ILE A 9 -0.40 36.39 -16.51
C ILE A 9 -0.57 35.64 -15.18
N LEU A 10 -0.79 34.32 -15.24
CA LEU A 10 -0.88 33.48 -14.05
C LEU A 10 0.23 32.44 -14.05
N GLY A 11 1.26 32.62 -13.20
CA GLY A 11 2.25 31.59 -12.95
C GLY A 11 1.67 30.50 -12.04
N LEU A 12 2.15 29.25 -12.17
CA LEU A 12 1.84 28.19 -11.22
C LEU A 12 3.06 27.31 -10.97
N ASP A 13 3.39 27.09 -9.69
CA ASP A 13 4.38 26.11 -9.27
C ASP A 13 3.64 24.99 -8.53
N ILE A 14 3.27 23.93 -9.26
CA ILE A 14 2.56 22.81 -8.66
C ILE A 14 3.61 21.95 -7.96
N GLY A 15 3.27 21.49 -6.74
CA GLY A 15 4.16 20.71 -5.92
C GLY A 15 3.43 19.56 -5.24
N ILE A 16 4.17 18.85 -4.37
CA ILE A 16 3.70 17.63 -3.73
C ILE A 16 2.76 18.02 -2.58
N THR A 17 3.13 19.08 -1.84
CA THR A 17 2.37 19.58 -0.70
C THR A 17 1.78 20.97 -0.96
N SER A 18 2.15 21.61 -2.08
CA SER A 18 1.86 23.02 -2.29
C SER A 18 1.48 23.30 -3.74
N VAL A 19 0.69 24.36 -3.92
CA VAL A 19 0.45 24.97 -5.22
C VAL A 19 0.80 26.45 -5.03
N GLY A 20 1.93 26.90 -5.59
CA GLY A 20 2.26 28.31 -5.60
C GLY A 20 1.49 28.99 -6.72
N TYR A 21 1.18 30.28 -6.56
CA TYR A 21 0.56 31.05 -7.63
C TYR A 21 1.14 32.44 -7.62
N GLY A 22 1.22 33.04 -8.82
CA GLY A 22 1.74 34.37 -9.01
C GLY A 22 0.92 35.04 -10.10
N ILE A 23 0.69 36.34 -9.96
CA ILE A 23 -0.19 37.11 -10.85
C ILE A 23 0.54 38.40 -11.18
N ILE A 24 0.64 38.73 -12.47
CA ILE A 24 1.51 39.79 -12.95
C ILE A 24 0.85 40.58 -14.06
N ASP A 25 1.00 41.92 -14.02
CA ASP A 25 0.40 42.82 -15.00
C ASP A 25 0.99 42.52 -16.38
N TYR A 26 0.10 42.34 -17.38
CA TYR A 26 0.50 41.88 -18.70
C TYR A 26 1.33 42.93 -19.44
N GLU A 27 1.13 44.22 -19.12
CA GLU A 27 1.85 45.31 -19.79
C GLU A 27 3.19 45.58 -19.10
N THR A 28 3.16 45.90 -17.80
CA THR A 28 4.30 46.45 -17.08
C THR A 28 5.19 45.35 -16.50
N ARG A 29 4.57 44.21 -16.15
CA ARG A 29 5.22 43.09 -15.46
C ARG A 29 5.57 43.51 -14.03
N ASP A 30 4.66 44.23 -13.37
CA ASP A 30 4.72 44.47 -11.94
C ASP A 30 3.91 43.38 -11.25
N VAL A 31 4.35 42.97 -10.06
CA VAL A 31 3.65 41.98 -9.25
C VAL A 31 2.30 42.56 -8.85
N ILE A 32 1.23 41.79 -9.05
CA ILE A 32 -0.10 42.13 -8.57
C ILE A 32 -0.31 41.42 -7.23
N ASP A 33 -0.09 40.10 -7.23
CA ASP A 33 -0.44 39.24 -6.12
C ASP A 33 0.44 37.99 -6.18
N ALA A 34 0.46 37.19 -5.11
CA ALA A 34 1.27 35.97 -5.03
C ALA A 34 0.98 35.26 -3.71
N GLY A 35 0.92 33.93 -3.74
CA GLY A 35 0.58 33.19 -2.53
C GLY A 35 0.84 31.70 -2.66
N VAL A 36 0.48 30.94 -1.63
CA VAL A 36 0.77 29.51 -1.57
C VAL A 36 -0.43 28.82 -0.91
N ARG A 37 -0.78 27.64 -1.42
CA ARG A 37 -1.86 26.84 -0.87
C ARG A 37 -1.26 25.52 -0.40
N LEU A 38 -1.24 25.30 0.92
CA LEU A 38 -0.48 24.21 1.52
C LEU A 38 -1.43 23.10 1.96
N PHE A 39 -1.03 21.85 1.75
CA PHE A 39 -1.86 20.73 2.12
C PHE A 39 -0.95 19.56 2.52
N LYS A 40 -1.58 18.55 3.13
CA LYS A 40 -0.90 17.34 3.56
C LYS A 40 -0.67 16.49 2.32
N GLU A 41 0.55 15.95 2.14
CA GLU A 41 0.86 15.07 1.03
C GLU A 41 -0.05 13.83 1.11
N ALA A 42 -0.65 13.46 -0.03
CA ALA A 42 -1.58 12.34 -0.10
C ALA A 42 -0.79 11.04 -0.22
N ASN A 43 -0.45 10.44 0.95
CA ASN A 43 0.44 9.28 1.02
C ASN A 43 -0.37 8.00 0.85
N VAL A 44 0.25 7.06 0.14
CA VAL A 44 -0.37 5.78 -0.19
C VAL A 44 -0.53 4.98 1.09
N GLU A 45 0.40 5.15 2.05
CA GLU A 45 0.32 4.51 3.36
C GLU A 45 -1.07 4.64 3.97
N ASN A 46 -1.72 5.81 3.80
CA ASN A 46 -2.98 6.10 4.47
C ASN A 46 -4.06 5.11 4.09
N ASN A 47 -4.35 5.00 2.78
CA ASN A 47 -5.40 4.12 2.29
C ASN A 47 -4.95 2.67 2.41
N GLU A 48 -3.67 2.40 2.15
CA GLU A 48 -3.13 1.07 2.37
C GLU A 48 -3.49 0.63 3.79
N GLY A 49 -3.32 1.54 4.77
CA GLY A 49 -3.73 1.26 6.13
C GLY A 49 -5.21 0.87 6.21
N ARG A 50 -6.08 1.73 5.69
CA ARG A 50 -7.52 1.54 5.76
C ARG A 50 -7.91 0.19 5.16
N ARG A 51 -7.33 -0.16 4.00
CA ARG A 51 -7.66 -1.40 3.31
C ARG A 51 -7.17 -2.58 4.14
N SER A 52 -5.89 -2.54 4.55
CA SER A 52 -5.27 -3.62 5.30
C SER A 52 -6.09 -3.96 6.54
N LYS A 53 -6.54 -2.94 7.28
CA LYS A 53 -7.33 -3.14 8.48
C LYS A 53 -8.71 -3.68 8.15
N ARG A 54 -9.29 -3.28 7.01
CA ARG A 54 -10.57 -3.82 6.58
C ARG A 54 -10.40 -5.31 6.29
N GLY A 55 -9.27 -5.69 5.67
CA GLY A 55 -8.97 -7.09 5.44
C GLY A 55 -8.86 -7.88 6.74
N ALA A 56 -8.13 -7.30 7.71
CA ALA A 56 -7.88 -7.97 8.97
C ALA A 56 -9.19 -8.19 9.73
N ARG A 57 -10.08 -7.19 9.69
CA ARG A 57 -11.36 -7.26 10.39
C ARG A 57 -12.22 -8.39 9.83
N ARG A 58 -12.16 -8.63 8.51
CA ARG A 58 -12.93 -9.71 7.89
C ARG A 58 -12.37 -11.08 8.26
N LEU A 59 -11.03 -11.24 8.24
CA LEU A 59 -10.39 -12.48 8.64
C LEU A 59 -10.81 -12.89 10.04
N LYS A 60 -10.87 -11.93 10.96
CA LYS A 60 -11.18 -12.22 12.36
C LYS A 60 -12.66 -12.50 12.54
N ARG A 61 -13.51 -11.79 11.79
CA ARG A 61 -14.94 -12.02 11.77
C ARG A 61 -15.25 -13.43 11.27
N ARG A 62 -14.52 -13.87 10.23
CA ARG A 62 -14.81 -15.13 9.59
C ARG A 62 -14.36 -16.30 10.45
N ARG A 63 -13.21 -16.17 11.14
CA ARG A 63 -12.79 -17.17 12.10
C ARG A 63 -13.86 -17.32 13.19
N ARG A 64 -14.31 -16.20 13.75
CA ARG A 64 -15.28 -16.23 14.83
C ARG A 64 -16.55 -16.93 14.35
N HIS A 65 -16.98 -16.67 13.10
CA HIS A 65 -18.25 -17.18 12.59
C HIS A 65 -18.15 -18.67 12.26
N ARG A 66 -16.94 -19.12 11.87
CA ARG A 66 -16.67 -20.53 11.61
C ARG A 66 -16.73 -21.32 12.91
N ILE A 67 -16.14 -20.77 13.98
CA ILE A 67 -16.17 -21.42 15.29
C ILE A 67 -17.64 -21.54 15.73
N GLN A 68 -18.45 -20.51 15.48
CA GLN A 68 -19.85 -20.52 15.91
C GLN A 68 -20.69 -21.48 15.06
N ARG A 69 -20.32 -21.73 13.79
CA ARG A 69 -21.05 -22.67 12.95
CA ARG A 69 -21.04 -22.67 12.95
C ARG A 69 -20.77 -24.09 13.44
N VAL A 70 -19.51 -24.35 13.86
CA VAL A 70 -19.14 -25.64 14.42
C VAL A 70 -19.96 -25.89 15.69
N LYS A 71 -19.92 -24.95 16.65
CA LYS A 71 -20.67 -25.10 17.89
C LYS A 71 -22.11 -25.50 17.59
N LYS A 72 -22.79 -24.82 16.66
CA LYS A 72 -24.21 -25.11 16.41
C LYS A 72 -24.39 -26.57 15.96
N LEU A 73 -23.44 -27.08 15.17
CA LEU A 73 -23.49 -28.46 14.70
C LEU A 73 -23.33 -29.44 15.87
N LEU A 74 -22.53 -29.05 16.87
CA LEU A 74 -22.30 -29.89 18.04
C LEU A 74 -23.51 -29.84 18.97
N PHE A 75 -24.20 -28.70 19.02
CA PHE A 75 -25.46 -28.60 19.76
C PHE A 75 -26.52 -29.48 19.11
N ASP A 76 -26.58 -29.49 17.77
CA ASP A 76 -27.61 -30.21 17.02
C ASP A 76 -27.48 -31.72 17.21
N TYR A 77 -26.24 -32.23 17.19
CA TYR A 77 -25.96 -33.65 17.36
C TYR A 77 -25.75 -33.96 18.85
N ASN A 78 -26.06 -32.99 19.71
CA ASN A 78 -26.16 -33.18 21.15
C ASN A 78 -24.82 -33.66 21.71
N LEU A 79 -23.74 -33.01 21.28
CA LEU A 79 -22.39 -33.24 21.78
C LEU A 79 -21.95 -32.08 22.66
N LEU A 80 -22.66 -30.93 22.59
CA LEU A 80 -22.32 -29.77 23.38
C LEU A 80 -23.60 -29.16 23.95
N THR A 81 -23.49 -28.60 25.16
CA THR A 81 -24.62 -28.02 25.87
C THR A 81 -24.20 -26.65 26.41
N ASP A 82 -25.14 -25.94 27.04
CA ASP A 82 -24.83 -24.70 27.75
C ASP A 82 -23.95 -24.99 28.97
N HIS A 83 -24.12 -26.17 29.59
CA HIS A 83 -23.47 -26.51 30.85
C HIS A 83 -22.49 -27.67 30.64
N SER A 84 -21.53 -27.49 29.71
CA SER A 84 -20.49 -28.48 29.46
C SER A 84 -19.13 -27.87 29.79
N GLU A 85 -18.29 -28.65 30.49
CA GLU A 85 -16.98 -28.21 30.93
C GLU A 85 -15.95 -28.55 29.85
N LEU A 86 -15.42 -27.52 29.16
CA LEU A 86 -14.40 -27.69 28.14
C LEU A 86 -13.07 -27.09 28.60
N SER A 87 -12.99 -26.76 29.90
CA SER A 87 -11.99 -25.81 30.39
C SER A 87 -10.59 -26.41 30.46
N GLY A 88 -10.43 -27.56 31.13
CA GLY A 88 -9.13 -28.16 31.35
C GLY A 88 -8.88 -29.37 30.46
N ILE A 89 -9.08 -29.20 29.13
CA ILE A 89 -8.95 -30.29 28.18
C ILE A 89 -7.91 -29.88 27.14
N ASN A 90 -6.72 -30.49 27.23
CA ASN A 90 -5.62 -30.19 26.32
C ASN A 90 -5.95 -30.78 24.96
N PRO A 91 -6.25 -29.95 23.92
CA PRO A 91 -6.75 -30.49 22.66
C PRO A 91 -5.71 -31.27 21.87
N TYR A 92 -4.42 -30.98 22.06
CA TYR A 92 -3.36 -31.73 21.40
C TYR A 92 -3.35 -33.17 21.92
N GLU A 93 -3.64 -33.36 23.21
CA GLU A 93 -3.73 -34.70 23.77
C GLU A 93 -4.99 -35.38 23.20
N ALA A 94 -6.10 -34.64 23.17
CA ALA A 94 -7.39 -35.15 22.69
C ALA A 94 -7.35 -35.47 21.20
N ARG A 95 -6.59 -34.69 20.42
CA ARG A 95 -6.48 -34.98 18.98
C ARG A 95 -5.72 -36.29 18.83
N VAL A 96 -4.55 -36.41 19.46
CA VAL A 96 -3.71 -37.59 19.31
C VAL A 96 -4.41 -38.82 19.89
N LYS A 97 -5.17 -38.67 20.99
CA LYS A 97 -5.89 -39.79 21.58
C LYS A 97 -6.99 -40.28 20.64
N GLY A 98 -7.76 -39.35 20.05
CA GLY A 98 -8.95 -39.68 19.29
C GLY A 98 -8.67 -40.30 17.92
N LEU A 99 -7.39 -40.40 17.51
CA LEU A 99 -7.02 -41.12 16.29
C LEU A 99 -6.87 -42.61 16.55
N SER A 100 -7.26 -43.09 17.76
CA SER A 100 -7.23 -44.51 18.08
C SER A 100 -8.34 -44.92 19.05
N GLN A 101 -8.54 -44.15 20.14
CA GLN A 101 -9.44 -44.53 21.22
C GLN A 101 -10.66 -43.62 21.26
N LYS A 102 -11.66 -43.98 22.07
CA LYS A 102 -12.87 -43.20 22.25
C LYS A 102 -12.60 -41.95 23.08
N LEU A 103 -13.02 -40.78 22.57
CA LEU A 103 -13.03 -39.54 23.32
C LEU A 103 -14.36 -39.39 24.05
N SER A 104 -14.35 -38.64 25.16
CA SER A 104 -15.58 -38.17 25.79
C SER A 104 -16.20 -37.09 24.90
N GLU A 105 -17.51 -36.88 25.02
CA GLU A 105 -18.20 -35.82 24.30
C GLU A 105 -17.47 -34.49 24.45
N GLU A 106 -16.92 -34.22 25.65
CA GLU A 106 -16.26 -32.94 25.92
C GLU A 106 -14.91 -32.89 25.19
N GLU A 107 -14.09 -33.95 25.31
CA GLU A 107 -12.81 -34.03 24.62
C GLU A 107 -13.03 -33.92 23.12
N PHE A 108 -14.06 -34.61 22.63
CA PHE A 108 -14.39 -34.62 21.21
C PHE A 108 -14.75 -33.21 20.76
N SER A 109 -15.59 -32.51 21.53
CA SER A 109 -15.96 -31.13 21.21
C SER A 109 -14.75 -30.22 21.27
N ALA A 110 -13.92 -30.34 22.32
CA ALA A 110 -12.68 -29.59 22.45
C ALA A 110 -11.83 -29.72 21.18
N ALA A 111 -11.63 -30.96 20.71
CA ALA A 111 -10.78 -31.27 19.57
C ALA A 111 -11.32 -30.64 18.28
N LEU A 112 -12.61 -30.86 17.97
CA LEU A 112 -13.18 -30.36 16.72
C LEU A 112 -13.10 -28.84 16.70
N LEU A 113 -13.35 -28.20 17.85
CA LEU A 113 -13.29 -26.76 17.95
C LEU A 113 -11.85 -26.25 17.79
N HIS A 114 -10.86 -27.02 18.28
CA HIS A 114 -9.47 -26.61 18.14
C HIS A 114 -9.04 -26.66 16.68
N LEU A 115 -9.44 -27.71 15.95
CA LEU A 115 -9.15 -27.82 14.52
C LEU A 115 -9.74 -26.64 13.74
N ALA A 116 -11.03 -26.35 13.91
CA ALA A 116 -11.68 -25.29 13.13
C ALA A 116 -11.07 -23.92 13.41
N LYS A 117 -10.55 -23.70 14.62
CA LYS A 117 -9.98 -22.40 14.94
C LYS A 117 -8.76 -22.13 14.06
N ARG A 118 -7.92 -23.16 13.81
CA ARG A 118 -6.62 -22.97 13.20
C ARG A 118 -6.39 -24.12 12.22
N ARG A 119 -6.53 -23.80 10.92
CA ARG A 119 -6.75 -24.80 9.90
C ARG A 119 -5.89 -24.63 8.66
N GLY A 120 -4.76 -23.91 8.77
CA GLY A 120 -3.71 -23.99 7.77
C GLY A 120 -3.99 -23.21 6.49
N VAL A 121 -2.98 -23.25 5.61
CA VAL A 121 -2.97 -22.57 4.33
C VAL A 121 -3.52 -23.53 3.28
N HIS A 122 -4.07 -22.93 2.22
CA HIS A 122 -4.45 -23.58 0.98
C HIS A 122 -3.96 -22.67 -0.13
N ASN A 123 -2.98 -23.14 -0.92
CA ASN A 123 -2.27 -22.27 -1.86
C ASN A 123 -2.34 -22.82 -3.29
N VAL A 124 -1.97 -21.96 -4.25
CA VAL A 124 -2.02 -22.25 -5.68
C VAL A 124 -1.07 -23.39 -6.03
N ASN A 125 0.10 -23.44 -5.37
CA ASN A 125 1.15 -24.41 -5.67
C ASN A 125 0.58 -25.83 -5.82
N GLU A 126 -0.08 -26.35 -4.78
CA GLU A 126 -0.59 -27.72 -4.81
C GLU A 126 -1.75 -27.77 -5.80
N VAL A 127 -1.83 -28.89 -6.53
CA VAL A 127 -2.92 -29.16 -7.47
C VAL A 127 -3.92 -30.08 -6.75
N GLU A 128 -3.40 -31.04 -5.96
CA GLU A 128 -4.22 -31.96 -5.17
C GLU A 128 -3.86 -31.80 -3.69
N GLU A 150 4.58 -38.87 7.48
CA GLU A 150 3.77 -40.11 7.73
C GLU A 150 2.87 -39.95 8.96
N LYS A 151 3.30 -39.14 9.95
CA LYS A 151 2.49 -38.84 11.14
C LYS A 151 1.52 -37.71 10.83
N TYR A 152 0.54 -37.52 11.74
CA TYR A 152 -0.46 -36.48 11.63
C TYR A 152 0.05 -35.18 12.25
N VAL A 153 -0.66 -34.08 11.99
CA VAL A 153 -0.25 -32.76 12.48
C VAL A 153 -0.27 -32.77 14.01
N ALA A 154 -1.32 -33.35 14.61
CA ALA A 154 -1.44 -33.37 16.06
C ALA A 154 -0.34 -34.22 16.69
N GLU A 155 0.12 -35.27 15.99
CA GLU A 155 1.21 -36.09 16.48
C GLU A 155 2.48 -35.24 16.53
N LEU A 156 2.78 -34.55 15.43
CA LEU A 156 3.95 -33.70 15.38
C LEU A 156 3.84 -32.56 16.40
N GLN A 157 2.63 -32.01 16.58
CA GLN A 157 2.44 -30.88 17.48
C GLN A 157 2.64 -31.30 18.93
N LEU A 158 2.08 -32.45 19.34
CA LEU A 158 2.27 -32.98 20.69
C LEU A 158 3.75 -33.31 20.94
N GLU A 159 4.50 -33.75 19.90
CA GLU A 159 5.92 -34.07 20.06
C GLU A 159 6.72 -32.84 20.44
N ARG A 160 6.42 -31.69 19.82
CA ARG A 160 7.15 -30.46 20.08
C ARG A 160 6.77 -29.90 21.46
N LEU A 161 5.50 -30.04 21.85
CA LEU A 161 5.02 -29.62 23.15
C LEU A 161 5.83 -30.29 24.26
N LYS A 162 6.22 -31.55 24.04
CA LYS A 162 6.92 -32.35 25.03
C LYS A 162 8.43 -32.14 24.94
N LYS A 163 8.99 -32.10 23.72
CA LYS A 163 10.44 -31.92 23.56
C LYS A 163 10.81 -30.47 23.82
N ASP A 164 10.27 -29.54 23.00
CA ASP A 164 10.69 -28.15 23.00
C ASP A 164 9.89 -27.31 23.99
N GLY A 165 8.86 -27.89 24.63
CA GLY A 165 8.09 -27.20 25.66
C GLY A 165 7.01 -26.27 25.11
N GLU A 166 6.88 -26.14 23.78
CA GLU A 166 5.99 -25.17 23.16
C GLU A 166 5.59 -25.60 21.75
N VAL A 167 4.48 -25.03 21.26
CA VAL A 167 3.88 -25.39 19.98
C VAL A 167 3.71 -24.17 19.09
N ARG A 168 3.10 -23.10 19.64
CA ARG A 168 2.70 -21.95 18.85
C ARG A 168 3.95 -21.22 18.33
N GLY A 169 3.79 -20.47 17.23
CA GLY A 169 4.87 -19.67 16.66
C GLY A 169 4.98 -19.79 15.14
N SER A 170 6.17 -19.45 14.62
CA SER A 170 6.47 -19.46 13.20
C SER A 170 6.47 -20.89 12.63
N ILE A 171 6.93 -21.88 13.43
CA ILE A 171 7.00 -23.26 12.96
C ILE A 171 5.61 -23.91 12.96
N ASN A 172 4.54 -23.15 13.26
CA ASN A 172 3.23 -23.76 13.39
C ASN A 172 2.43 -23.59 12.09
N ARG A 173 3.11 -23.75 10.94
CA ARG A 173 2.52 -23.46 9.64
C ARG A 173 2.36 -24.74 8.85
N PHE A 174 1.08 -25.16 8.68
CA PHE A 174 0.72 -26.41 8.04
C PHE A 174 -0.31 -26.19 6.94
N LYS A 175 -0.44 -27.18 6.04
CA LYS A 175 -1.41 -27.13 4.95
C LYS A 175 -2.76 -27.59 5.46
N THR A 176 -3.84 -26.98 4.94
CA THR A 176 -5.19 -27.36 5.31
C THR A 176 -5.43 -28.84 5.01
N SER A 177 -4.82 -29.35 3.93
CA SER A 177 -4.98 -30.75 3.56
C SER A 177 -4.40 -31.68 4.62
N ASP A 178 -3.30 -31.26 5.27
CA ASP A 178 -2.73 -32.02 6.37
C ASP A 178 -3.71 -32.06 7.54
N TYR A 179 -4.46 -30.96 7.78
CA TYR A 179 -5.45 -30.92 8.85
C TYR A 179 -6.70 -31.74 8.51
N VAL A 180 -7.10 -31.77 7.24
CA VAL A 180 -8.30 -32.51 6.81
C VAL A 180 -8.04 -34.00 6.92
N LYS A 181 -6.80 -34.43 6.61
CA LYS A 181 -6.40 -35.82 6.72
C LYS A 181 -6.59 -36.28 8.17
N GLU A 182 -6.27 -35.41 9.14
CA GLU A 182 -6.42 -35.69 10.56
C GLU A 182 -7.90 -35.79 10.92
N ALA A 183 -8.69 -34.77 10.55
CA ALA A 183 -10.10 -34.69 10.89
C ALA A 183 -10.88 -35.89 10.38
N LYS A 184 -10.56 -36.35 9.16
CA LYS A 184 -11.23 -37.48 8.55
C LYS A 184 -10.96 -38.74 9.39
N GLN A 185 -9.71 -38.93 9.82
CA GLN A 185 -9.33 -40.04 10.69
C GLN A 185 -10.02 -39.92 12.05
N LEU A 186 -9.97 -38.74 12.67
CA LEU A 186 -10.62 -38.55 13.96
C LEU A 186 -12.08 -38.95 13.86
N LEU A 187 -12.78 -38.51 12.79
CA LEU A 187 -14.21 -38.76 12.63
C LEU A 187 -14.46 -40.20 12.22
N LYS A 188 -13.48 -40.87 11.61
CA LYS A 188 -13.60 -42.28 11.25
C LYS A 188 -13.63 -43.14 12.51
N VAL A 189 -12.72 -42.86 13.46
CA VAL A 189 -12.64 -43.58 14.72
C VAL A 189 -13.88 -43.28 15.56
N GLN A 190 -14.23 -41.98 15.69
CA GLN A 190 -15.21 -41.56 16.68
C GLN A 190 -16.64 -41.88 16.25
N LYS A 191 -16.89 -41.98 14.93
CA LYS A 191 -18.18 -42.35 14.37
C LYS A 191 -18.75 -43.59 15.04
N ALA A 192 -17.90 -44.55 15.40
CA ALA A 192 -18.33 -45.77 16.07
C ALA A 192 -19.03 -45.45 17.40
N TYR A 193 -18.34 -44.71 18.28
CA TYR A 193 -18.71 -44.60 19.68
C TYR A 193 -19.73 -43.48 19.93
N HIS A 194 -19.64 -42.39 19.15
CA HIS A 194 -20.63 -41.32 19.21
C HIS A 194 -21.64 -41.53 18.09
N GLN A 195 -22.89 -41.12 18.32
CA GLN A 195 -23.91 -41.22 17.29
C GLN A 195 -23.74 -40.02 16.35
N LEU A 196 -23.03 -40.23 15.23
CA LEU A 196 -22.92 -39.20 14.21
C LEU A 196 -22.85 -39.87 12.83
N ASP A 197 -23.45 -39.19 11.85
CA ASP A 197 -23.77 -39.74 10.53
C ASP A 197 -22.94 -39.04 9.46
N GLN A 198 -23.05 -39.49 8.21
CA GLN A 198 -22.26 -38.95 7.11
C GLN A 198 -22.61 -37.47 6.88
N SER A 199 -23.85 -37.06 7.21
CA SER A 199 -24.25 -35.67 7.10
C SER A 199 -23.40 -34.81 8.04
N PHE A 200 -23.18 -35.29 9.27
CA PHE A 200 -22.32 -34.60 10.25
C PHE A 200 -20.91 -34.44 9.65
N ILE A 201 -20.37 -35.53 9.12
CA ILE A 201 -18.97 -35.58 8.70
C ILE A 201 -18.77 -34.65 7.51
N ASP A 202 -19.66 -34.77 6.50
CA ASP A 202 -19.64 -33.89 5.34
C ASP A 202 -19.72 -32.43 5.76
N THR A 203 -20.67 -32.10 6.66
CA THR A 203 -20.85 -30.73 7.10
C THR A 203 -19.58 -30.21 7.76
N TYR A 204 -19.02 -30.99 8.70
CA TYR A 204 -17.89 -30.53 9.50
C TYR A 204 -16.69 -30.26 8.58
N ILE A 205 -16.38 -31.16 7.64
CA ILE A 205 -15.19 -30.98 6.81
C ILE A 205 -15.36 -29.76 5.92
N ASP A 206 -16.60 -29.49 5.46
CA ASP A 206 -16.87 -28.30 4.66
C ASP A 206 -16.48 -27.06 5.48
N LEU A 207 -17.02 -26.93 6.70
CA LEU A 207 -16.69 -25.80 7.57
C LEU A 207 -15.17 -25.65 7.64
N LEU A 208 -14.48 -26.77 7.87
CA LEU A 208 -13.07 -26.77 8.15
C LEU A 208 -12.27 -26.30 6.92
N GLU A 209 -12.55 -26.87 5.74
CA GLU A 209 -11.71 -26.62 4.59
C GLU A 209 -12.13 -25.37 3.80
N THR A 210 -13.40 -24.95 3.87
CA THR A 210 -13.97 -24.00 2.91
C THR A 210 -13.55 -22.56 3.17
N ARG A 211 -13.41 -21.80 2.07
CA ARG A 211 -13.18 -20.36 2.10
C ARG A 211 -13.55 -19.71 0.76
N ARG A 212 -13.72 -18.38 0.79
CA ARG A 212 -14.07 -17.60 -0.39
C ARG A 212 -12.86 -17.47 -1.30
N THR A 213 -13.09 -17.19 -2.60
CA THR A 213 -12.02 -16.94 -3.56
C THR A 213 -11.92 -15.44 -3.81
N TYR A 214 -10.81 -15.00 -4.44
CA TYR A 214 -10.59 -13.59 -4.77
C TYR A 214 -11.67 -13.06 -5.72
N TYR A 215 -12.28 -13.92 -6.55
CA TYR A 215 -13.28 -13.50 -7.52
C TYR A 215 -14.69 -13.70 -6.97
N GLU A 216 -14.84 -14.17 -5.73
CA GLU A 216 -16.12 -14.15 -5.05
C GLU A 216 -16.24 -12.85 -4.23
N GLY A 217 -15.21 -12.54 -3.44
CA GLY A 217 -15.24 -11.35 -2.60
C GLY A 217 -16.29 -11.45 -1.49
N PRO A 218 -16.66 -10.32 -0.83
CA PRO A 218 -17.60 -10.33 0.30
C PRO A 218 -19.02 -10.85 0.04
N GLY A 219 -19.74 -11.10 1.14
CA GLY A 219 -21.13 -11.49 1.10
C GLY A 219 -22.05 -10.36 0.68
N GLU A 220 -23.35 -10.69 0.58
CA GLU A 220 -24.40 -9.82 0.09
C GLU A 220 -24.63 -8.70 1.09
N GLY A 221 -24.57 -7.46 0.58
CA GLY A 221 -24.74 -6.26 1.38
C GLY A 221 -23.51 -5.36 1.31
N SER A 222 -22.34 -5.93 0.98
CA SER A 222 -21.11 -5.17 0.99
C SER A 222 -21.16 -4.05 -0.04
N PRO A 223 -20.82 -2.78 0.31
CA PRO A 223 -20.45 -1.78 -0.69
C PRO A 223 -19.29 -2.19 -1.59
N PHE A 224 -18.46 -3.12 -1.13
CA PHE A 224 -17.29 -3.56 -1.87
C PHE A 224 -17.56 -4.82 -2.68
N GLY A 225 -18.76 -5.41 -2.55
CA GLY A 225 -19.05 -6.70 -3.16
C GLY A 225 -19.48 -6.62 -4.62
N TRP A 226 -19.95 -7.76 -5.16
CA TRP A 226 -20.46 -7.91 -6.51
C TRP A 226 -21.28 -9.19 -6.63
N LYS A 227 -22.19 -9.21 -7.61
CA LYS A 227 -23.22 -10.23 -7.72
C LYS A 227 -22.67 -11.55 -8.28
N ASP A 228 -21.82 -11.47 -9.32
CA ASP A 228 -21.33 -12.65 -10.04
C ASP A 228 -20.07 -12.28 -10.83
N ILE A 229 -19.39 -13.28 -11.41
CA ILE A 229 -18.07 -13.11 -12.03
C ILE A 229 -18.13 -12.07 -13.15
N LYS A 230 -19.17 -12.10 -13.99
CA LYS A 230 -19.23 -11.21 -15.14
C LYS A 230 -19.36 -9.76 -14.66
N GLU A 231 -20.24 -9.51 -13.67
CA GLU A 231 -20.34 -8.20 -13.04
C GLU A 231 -18.96 -7.78 -12.52
N TRP A 232 -18.29 -8.69 -11.79
CA TRP A 232 -16.96 -8.43 -11.24
C TRP A 232 -15.99 -7.98 -12.33
N TYR A 233 -15.97 -8.69 -13.48
CA TYR A 233 -15.00 -8.41 -14.53
C TYR A 233 -15.39 -7.15 -15.31
N GLU A 234 -16.69 -6.99 -15.61
CA GLU A 234 -17.21 -5.82 -16.30
C GLU A 234 -16.85 -4.54 -15.54
N MET A 235 -17.03 -4.54 -14.21
CA MET A 235 -16.71 -3.40 -13.38
C MET A 235 -15.26 -2.98 -13.56
N LEU A 236 -14.36 -3.99 -13.60
CA LEU A 236 -12.92 -3.74 -13.61
C LEU A 236 -12.44 -3.24 -14.97
N MET A 237 -12.81 -3.92 -16.06
CA MET A 237 -12.11 -3.75 -17.34
C MET A 237 -12.44 -2.40 -17.98
N GLY A 238 -11.50 -1.92 -18.83
CA GLY A 238 -11.55 -0.60 -19.42
C GLY A 238 -12.49 -0.51 -20.62
N HIS A 239 -12.63 0.71 -21.16
CA HIS A 239 -13.58 1.02 -22.22
C HIS A 239 -12.84 1.37 -23.51
N CYS A 240 -13.54 1.21 -24.65
CA CYS A 240 -12.95 1.42 -25.96
C CYS A 240 -12.70 2.91 -26.22
N THR A 241 -11.73 3.19 -27.11
CA THR A 241 -11.33 4.54 -27.46
C THR A 241 -12.37 5.17 -28.38
N TYR A 242 -12.74 4.46 -29.47
CA TYR A 242 -13.56 5.02 -30.53
C TYR A 242 -15.05 4.78 -30.29
N PHE A 243 -15.40 3.88 -29.36
CA PHE A 243 -16.79 3.60 -29.01
C PHE A 243 -16.93 3.54 -27.48
N PRO A 244 -16.81 4.68 -26.73
CA PRO A 244 -16.81 4.71 -25.27
C PRO A 244 -17.77 3.85 -24.47
N GLU A 245 -18.99 3.56 -24.96
CA GLU A 245 -19.96 2.84 -24.15
C GLU A 245 -19.87 1.34 -24.42
N GLU A 246 -18.63 0.84 -24.63
CA GLU A 246 -18.37 -0.54 -25.01
C GLU A 246 -17.06 -0.97 -24.36
N LEU A 247 -17.08 -2.13 -23.68
CA LEU A 247 -15.90 -2.65 -23.01
C LEU A 247 -14.93 -3.15 -24.08
N ARG A 248 -13.62 -2.97 -23.79
CA ARG A 248 -12.55 -3.42 -24.68
C ARG A 248 -12.67 -4.90 -24.99
N SER A 249 -11.97 -5.33 -26.05
CA SER A 249 -11.84 -6.74 -26.38
C SER A 249 -10.86 -7.38 -25.40
N VAL A 250 -10.98 -8.69 -25.19
CA VAL A 250 -9.98 -9.44 -24.43
C VAL A 250 -8.78 -9.61 -25.36
N LYS A 251 -7.57 -9.55 -24.79
CA LYS A 251 -6.32 -9.47 -25.55
C LYS A 251 -6.21 -10.58 -26.60
N TYR A 252 -6.59 -11.81 -26.22
CA TYR A 252 -6.41 -12.97 -27.07
C TYR A 252 -7.78 -13.45 -27.57
N ALA A 253 -8.47 -12.59 -28.31
CA ALA A 253 -9.59 -12.98 -29.14
C ALA A 253 -9.08 -13.10 -30.58
N TYR A 254 -9.67 -14.02 -31.36
CA TYR A 254 -9.16 -14.36 -32.68
C TYR A 254 -9.11 -13.10 -33.56
N ASN A 255 -10.21 -12.31 -33.57
CA ASN A 255 -10.26 -11.10 -34.38
C ASN A 255 -9.28 -10.05 -33.87
N ALA A 256 -8.99 -10.03 -32.56
CA ALA A 256 -8.05 -9.08 -31.98
C ALA A 256 -6.61 -9.40 -32.37
N ASP A 257 -6.24 -10.69 -32.36
CA ASP A 257 -4.90 -11.11 -32.78
C ASP A 257 -4.77 -10.99 -34.30
N LEU A 258 -5.84 -11.33 -35.04
CA LEU A 258 -5.82 -11.22 -36.50
C LEU A 258 -5.68 -9.75 -36.91
N TYR A 259 -6.31 -8.84 -36.17
CA TYR A 259 -6.15 -7.40 -36.36
C TYR A 259 -4.66 -7.03 -36.26
N ASN A 260 -4.01 -7.43 -35.16
CA ASN A 260 -2.61 -7.12 -34.89
C ASN A 260 -1.70 -7.77 -35.93
N ALA A 261 -2.11 -8.93 -36.45
CA ALA A 261 -1.38 -9.65 -37.49
C ALA A 261 -1.36 -8.85 -38.80
N LEU A 262 -2.51 -8.27 -39.18
CA LEU A 262 -2.64 -7.54 -40.44
C LEU A 262 -1.82 -6.24 -40.39
N ASN A 263 -1.84 -5.53 -39.25
CA ASN A 263 -1.11 -4.27 -39.11
C ASN A 263 0.39 -4.49 -39.32
N ASP A 264 0.93 -5.62 -38.84
CA ASP A 264 2.33 -5.98 -39.09
C ASP A 264 2.57 -6.10 -40.59
N LEU A 265 1.73 -6.87 -41.30
CA LEU A 265 1.93 -7.15 -42.72
C LEU A 265 1.77 -5.88 -43.54
N ASN A 266 0.81 -5.01 -43.18
CA ASN A 266 0.58 -3.75 -43.87
C ASN A 266 1.81 -2.83 -43.75
N ASN A 267 2.53 -2.90 -42.62
CA ASN A 267 3.70 -2.07 -42.39
C ASN A 267 4.90 -2.52 -43.25
N LEU A 268 4.93 -3.81 -43.66
CA LEU A 268 6.04 -4.35 -44.43
C LEU A 268 6.19 -3.59 -45.75
N VAL A 269 7.45 -3.32 -46.13
CA VAL A 269 7.79 -2.69 -47.40
C VAL A 269 8.81 -3.60 -48.09
N ILE A 270 8.54 -3.97 -49.35
CA ILE A 270 9.37 -4.92 -50.08
C ILE A 270 9.88 -4.25 -51.35
N THR A 271 11.16 -4.49 -51.69
CA THR A 271 11.77 -3.98 -52.91
C THR A 271 11.56 -5.03 -54.01
N ARG A 272 10.47 -4.92 -54.77
CA ARG A 272 10.24 -5.91 -55.82
C ARG A 272 9.65 -5.23 -57.04
N ASP A 273 9.65 -5.97 -58.17
CA ASP A 273 8.82 -5.61 -59.30
C ASP A 273 7.40 -5.83 -58.81
N GLU A 274 6.47 -4.95 -59.22
CA GLU A 274 5.10 -4.90 -58.70
C GLU A 274 5.11 -4.02 -57.45
N ASN A 275 3.91 -3.72 -56.93
CA ASN A 275 3.70 -2.83 -55.79
C ASN A 275 4.58 -3.22 -54.60
N GLU A 276 5.08 -2.19 -53.90
CA GLU A 276 6.01 -2.35 -52.78
C GLU A 276 5.28 -2.90 -51.55
N LYS A 277 4.00 -2.48 -51.35
CA LYS A 277 3.15 -2.99 -50.28
C LYS A 277 2.46 -4.27 -50.77
N LEU A 278 2.07 -5.13 -49.81
CA LEU A 278 1.46 -6.42 -50.11
C LEU A 278 0.03 -6.21 -50.63
N GLU A 279 -0.43 -7.17 -51.46
CA GLU A 279 -1.77 -7.17 -52.04
C GLU A 279 -2.66 -8.11 -51.23
N TYR A 280 -3.99 -7.97 -51.39
CA TYR A 280 -4.97 -8.78 -50.68
C TYR A 280 -4.59 -10.26 -50.76
N TYR A 281 -4.44 -10.79 -51.99
CA TYR A 281 -4.22 -12.21 -52.21
C TYR A 281 -2.94 -12.67 -51.49
N GLU A 282 -1.89 -11.83 -51.53
CA GLU A 282 -0.63 -12.15 -50.87
C GLU A 282 -0.83 -12.22 -49.36
N LYS A 283 -1.52 -11.23 -48.78
CA LYS A 283 -1.79 -11.20 -47.34
C LYS A 283 -2.62 -12.41 -46.94
N PHE A 284 -3.64 -12.74 -47.75
CA PHE A 284 -4.51 -13.88 -47.49
C PHE A 284 -3.69 -15.16 -47.40
N GLN A 285 -2.83 -15.42 -48.40
CA GLN A 285 -2.07 -16.67 -48.46
C GLN A 285 -1.01 -16.70 -47.36
N ILE A 286 -0.43 -15.54 -47.00
CA ILE A 286 0.55 -15.47 -45.92
C ILE A 286 -0.12 -15.90 -44.61
N ILE A 287 -1.27 -15.30 -44.27
CA ILE A 287 -2.00 -15.62 -43.04
C ILE A 287 -2.33 -17.12 -43.02
N GLU A 288 -2.90 -17.63 -44.13
CA GLU A 288 -3.41 -19.00 -44.19
C GLU A 288 -2.28 -20.04 -44.08
N ASN A 289 -1.10 -19.76 -44.65
CA ASN A 289 -0.03 -20.73 -44.76
C ASN A 289 1.08 -20.55 -43.72
N VAL A 290 1.17 -19.36 -43.09
CA VAL A 290 2.25 -19.08 -42.15
C VAL A 290 1.67 -18.91 -40.74
N PHE A 291 0.70 -17.99 -40.57
CA PHE A 291 0.19 -17.62 -39.25
C PHE A 291 -0.72 -18.70 -38.69
N LYS A 292 -1.34 -19.51 -39.56
CA LYS A 292 -2.22 -20.59 -39.13
C LYS A 292 -1.46 -21.93 -39.04
N GLN A 293 -0.32 -22.06 -39.73
CA GLN A 293 0.47 -23.28 -39.67
C GLN A 293 1.53 -23.19 -38.57
N LYS A 294 2.30 -22.10 -38.54
CA LYS A 294 3.43 -21.95 -37.64
C LYS A 294 3.03 -21.13 -36.41
N LYS A 295 3.42 -21.60 -35.23
CA LYS A 295 3.05 -20.95 -33.96
C LYS A 295 3.67 -19.56 -33.89
N LYS A 296 4.98 -19.45 -34.21
CA LYS A 296 5.68 -18.17 -34.23
C LYS A 296 6.26 -17.96 -35.63
N PRO A 297 5.54 -17.25 -36.54
CA PRO A 297 6.10 -16.84 -37.83
C PRO A 297 7.49 -16.20 -37.77
N THR A 298 8.32 -16.53 -38.78
CA THR A 298 9.65 -15.96 -38.94
C THR A 298 9.74 -15.36 -40.34
N LEU A 299 10.67 -14.40 -40.51
CA LEU A 299 10.79 -13.64 -41.75
C LEU A 299 11.08 -14.55 -42.94
N LYS A 300 11.87 -15.62 -42.72
CA LYS A 300 12.16 -16.63 -43.73
C LYS A 300 10.85 -17.23 -44.27
N GLN A 301 9.94 -17.61 -43.36
CA GLN A 301 8.71 -18.31 -43.73
C GLN A 301 7.77 -17.39 -44.53
N ILE A 302 7.77 -16.10 -44.19
CA ILE A 302 7.01 -15.09 -44.93
C ILE A 302 7.69 -14.87 -46.29
N ALA A 303 9.03 -14.80 -46.30
CA ALA A 303 9.80 -14.56 -47.52
C ALA A 303 9.59 -15.68 -48.55
N LYS A 304 9.45 -16.93 -48.09
CA LYS A 304 9.23 -18.08 -48.97
C LYS A 304 7.85 -18.00 -49.64
N GLU A 305 6.81 -17.61 -48.88
CA GLU A 305 5.45 -17.52 -49.40
C GLU A 305 5.37 -16.47 -50.51
N ILE A 306 6.09 -15.34 -50.35
CA ILE A 306 6.14 -14.29 -51.36
C ILE A 306 7.03 -14.75 -52.52
N LEU A 307 8.06 -15.57 -52.21
CA LEU A 307 9.06 -16.06 -53.15
C LEU A 307 10.02 -14.90 -53.48
N VAL A 308 10.54 -14.25 -52.42
CA VAL A 308 11.43 -13.11 -52.52
C VAL A 308 12.45 -13.22 -51.38
N ASN A 309 13.65 -12.66 -51.58
CA ASN A 309 14.73 -12.71 -50.60
C ASN A 309 14.37 -11.92 -49.33
N GLU A 310 14.98 -12.31 -48.20
CA GLU A 310 14.67 -11.75 -46.89
C GLU A 310 15.05 -10.26 -46.82
N GLU A 311 16.22 -9.91 -47.38
CA GLU A 311 16.79 -8.57 -47.26
C GLU A 311 15.92 -7.53 -47.99
N ASP A 312 15.15 -7.96 -48.99
CA ASP A 312 14.21 -7.10 -49.69
C ASP A 312 13.12 -6.60 -48.75
N ILE A 313 12.67 -7.45 -47.82
CA ILE A 313 11.59 -7.11 -46.90
C ILE A 313 12.18 -6.26 -45.77
N LYS A 314 11.59 -5.07 -45.55
CA LYS A 314 12.00 -4.16 -44.50
C LYS A 314 10.77 -3.51 -43.87
N GLY A 315 10.92 -3.01 -42.64
CA GLY A 315 9.86 -2.34 -41.91
C GLY A 315 9.03 -3.33 -41.09
N TYR A 316 9.68 -3.94 -40.10
CA TYR A 316 9.06 -4.94 -39.23
C TYR A 316 9.44 -4.64 -37.78
N ARG A 317 8.61 -5.12 -36.84
CA ARG A 317 8.89 -5.00 -35.42
C ARG A 317 10.08 -5.90 -35.08
N VAL A 318 10.98 -5.40 -34.21
CA VAL A 318 12.23 -6.07 -33.90
C VAL A 318 12.31 -6.27 -32.38
N THR A 319 12.76 -7.47 -31.97
CA THR A 319 12.98 -7.78 -30.57
C THR A 319 14.25 -7.05 -30.11
N SER A 320 14.33 -6.73 -28.81
CA SER A 320 15.49 -6.06 -28.23
C SER A 320 16.80 -6.76 -28.63
N THR A 321 16.78 -8.09 -28.68
CA THR A 321 17.93 -8.89 -29.09
C THR A 321 18.30 -8.56 -30.54
N GLY A 322 17.30 -8.48 -31.45
CA GLY A 322 17.55 -8.20 -32.86
C GLY A 322 16.72 -9.07 -33.82
N LYS A 323 16.03 -10.11 -33.30
CA LYS A 323 15.22 -10.99 -34.12
C LYS A 323 14.01 -10.23 -34.68
N PRO A 324 13.58 -10.44 -35.95
CA PRO A 324 12.26 -10.00 -36.39
C PRO A 324 11.12 -10.64 -35.60
N GLU A 325 10.10 -9.83 -35.26
CA GLU A 325 8.97 -10.27 -34.46
C GLU A 325 7.68 -10.11 -35.25
N PHE A 326 6.82 -11.16 -35.21
CA PHE A 326 5.52 -11.14 -35.84
C PHE A 326 4.47 -11.63 -34.84
N THR A 327 3.23 -11.14 -35.02
CA THR A 327 2.12 -11.46 -34.14
C THR A 327 1.85 -12.97 -34.18
N ASN A 328 1.48 -13.54 -33.02
CA ASN A 328 1.20 -14.96 -32.92
C ASN A 328 -0.30 -15.13 -32.63
N LEU A 329 -1.00 -15.90 -33.48
CA LEU A 329 -2.40 -16.25 -33.22
C LEU A 329 -2.36 -17.25 -32.07
N LYS A 330 -2.85 -16.82 -30.88
CA LYS A 330 -2.77 -17.66 -29.70
C LYS A 330 -3.87 -18.72 -29.72
N VAL A 331 -5.12 -18.27 -29.89
CA VAL A 331 -6.29 -19.12 -29.68
C VAL A 331 -6.34 -20.16 -30.80
N TYR A 332 -6.09 -19.72 -32.04
CA TYR A 332 -6.11 -20.60 -33.18
C TYR A 332 -5.26 -21.83 -32.87
N HIS A 333 -3.98 -21.60 -32.51
CA HIS A 333 -3.05 -22.69 -32.26
C HIS A 333 -3.49 -23.50 -31.04
N ASP A 334 -3.86 -22.82 -29.94
CA ASP A 334 -4.27 -23.48 -28.71
C ASP A 334 -5.39 -24.48 -28.96
N ILE A 335 -6.41 -24.11 -29.76
CA ILE A 335 -7.54 -24.99 -30.03
C ILE A 335 -7.14 -26.02 -31.09
N LYS A 336 -6.47 -25.58 -32.17
CA LYS A 336 -5.99 -26.47 -33.22
C LYS A 336 -5.22 -27.65 -32.60
N ASP A 337 -4.31 -27.34 -31.67
CA ASP A 337 -3.48 -28.35 -31.01
C ASP A 337 -4.36 -29.38 -30.28
N ILE A 338 -5.45 -28.92 -29.63
CA ILE A 338 -6.38 -29.80 -28.96
C ILE A 338 -7.13 -30.62 -30.02
N THR A 339 -7.75 -29.93 -30.99
CA THR A 339 -8.52 -30.57 -32.05
C THR A 339 -8.48 -29.68 -33.30
N ALA A 340 -8.12 -30.29 -34.45
CA ALA A 340 -8.01 -29.56 -35.71
C ALA A 340 -9.18 -29.90 -36.63
N ARG A 341 -10.40 -29.58 -36.18
CA ARG A 341 -11.62 -29.73 -36.97
C ARG A 341 -11.96 -28.38 -37.59
N LYS A 342 -12.13 -28.36 -38.93
CA LYS A 342 -12.34 -27.14 -39.69
C LYS A 342 -13.66 -26.46 -39.33
N GLU A 343 -14.64 -27.24 -38.85
CA GLU A 343 -15.89 -26.70 -38.33
C GLU A 343 -15.59 -25.72 -37.18
N ILE A 344 -14.66 -26.11 -36.28
CA ILE A 344 -14.32 -25.33 -35.09
C ILE A 344 -13.33 -24.22 -35.46
N ILE A 345 -12.12 -24.62 -35.89
CA ILE A 345 -10.91 -23.80 -36.04
C ILE A 345 -11.09 -22.68 -37.09
N GLU A 346 -12.00 -22.89 -38.06
CA GLU A 346 -12.29 -21.89 -39.07
C GLU A 346 -13.67 -21.29 -38.78
N ASN A 347 -13.84 -20.78 -37.54
CA ASN A 347 -15.04 -20.07 -37.11
C ASN A 347 -14.61 -19.02 -36.09
N ALA A 348 -14.46 -17.76 -36.57
CA ALA A 348 -13.93 -16.67 -35.75
C ALA A 348 -14.83 -16.38 -34.55
N GLU A 349 -16.15 -16.31 -34.78
CA GLU A 349 -17.11 -15.94 -33.73
C GLU A 349 -17.01 -16.88 -32.53
N LEU A 350 -16.83 -18.19 -32.78
CA LEU A 350 -16.66 -19.17 -31.72
C LEU A 350 -15.33 -18.94 -31.00
N LEU A 351 -14.26 -18.66 -31.76
CA LEU A 351 -12.91 -18.51 -31.22
C LEU A 351 -12.77 -17.21 -30.41
N ASP A 352 -13.66 -16.23 -30.66
CA ASP A 352 -13.75 -15.03 -29.84
C ASP A 352 -14.49 -15.35 -28.54
N GLN A 353 -15.56 -16.17 -28.63
CA GLN A 353 -16.33 -16.56 -27.46
C GLN A 353 -15.46 -17.39 -26.50
N ILE A 354 -14.77 -18.41 -27.03
CA ILE A 354 -13.94 -19.28 -26.20
C ILE A 354 -12.91 -18.42 -25.47
N ALA A 355 -12.25 -17.51 -26.20
CA ALA A 355 -11.27 -16.60 -25.63
C ALA A 355 -11.88 -15.81 -24.47
N LYS A 356 -13.02 -15.15 -24.71
CA LYS A 356 -13.70 -14.36 -23.69
C LYS A 356 -13.87 -15.20 -22.42
N ILE A 357 -14.52 -16.37 -22.53
CA ILE A 357 -14.78 -17.25 -21.39
C ILE A 357 -13.47 -17.56 -20.67
N LEU A 358 -12.42 -17.93 -21.42
CA LEU A 358 -11.14 -18.32 -20.84
C LEU A 358 -10.52 -17.15 -20.08
N THR A 359 -10.74 -15.91 -20.53
CA THR A 359 -10.20 -14.74 -19.86
C THR A 359 -11.07 -14.40 -18.64
N ILE A 360 -12.41 -14.41 -18.81
CA ILE A 360 -13.32 -13.91 -17.78
C ILE A 360 -13.43 -14.91 -16.62
N TYR A 361 -13.65 -16.19 -16.93
CA TYR A 361 -13.83 -17.19 -15.88
C TYR A 361 -12.46 -17.59 -15.37
N GLN A 362 -12.43 -18.11 -14.13
CA GLN A 362 -11.20 -18.24 -13.36
C GLN A 362 -10.91 -19.71 -13.05
N SER A 363 -11.90 -20.46 -12.55
CA SER A 363 -11.72 -21.88 -12.25
C SER A 363 -12.21 -22.74 -13.41
N SER A 364 -11.57 -23.91 -13.60
CA SER A 364 -11.88 -24.85 -14.66
C SER A 364 -13.34 -25.28 -14.64
N GLU A 365 -13.87 -25.59 -13.44
CA GLU A 365 -15.22 -26.10 -13.30
C GLU A 365 -16.25 -25.04 -13.69
N ASP A 366 -15.89 -23.75 -13.58
CA ASP A 366 -16.76 -22.67 -14.04
C ASP A 366 -16.69 -22.55 -15.56
N ILE A 367 -15.48 -22.71 -16.14
CA ILE A 367 -15.26 -22.61 -17.57
C ILE A 367 -16.03 -23.72 -18.29
N GLN A 368 -15.99 -24.95 -17.76
CA GLN A 368 -16.64 -26.10 -18.35
C GLN A 368 -18.15 -25.87 -18.48
N GLU A 369 -18.79 -25.37 -17.41
CA GLU A 369 -20.22 -25.10 -17.44
C GLU A 369 -20.51 -24.04 -18.50
N GLU A 370 -19.69 -22.98 -18.54
CA GLU A 370 -19.92 -21.83 -19.38
C GLU A 370 -19.77 -22.19 -20.86
N LEU A 371 -18.85 -23.12 -21.18
CA LEU A 371 -18.67 -23.64 -22.53
C LEU A 371 -19.84 -24.55 -22.90
N THR A 372 -20.31 -25.38 -21.97
CA THR A 372 -21.40 -26.31 -22.24
C THR A 372 -22.69 -25.52 -22.53
N ASN A 373 -22.87 -24.38 -21.86
CA ASN A 373 -24.01 -23.49 -22.10
C ASN A 373 -23.89 -22.73 -23.41
N LEU A 374 -22.67 -22.70 -24.01
CA LEU A 374 -22.39 -21.92 -25.21
C LEU A 374 -23.07 -22.54 -26.45
N ASN A 375 -23.36 -23.86 -26.39
CA ASN A 375 -24.08 -24.59 -27.43
C ASN A 375 -23.25 -24.59 -28.72
N SER A 376 -22.22 -25.45 -28.73
CA SER A 376 -21.25 -25.53 -29.81
C SER A 376 -21.21 -26.96 -30.36
N GLU A 377 -20.30 -27.20 -31.32
CA GLU A 377 -20.07 -28.53 -31.88
C GLU A 377 -18.89 -29.19 -31.18
N LEU A 378 -18.44 -28.63 -30.03
CA LEU A 378 -17.35 -29.18 -29.26
C LEU A 378 -17.87 -30.37 -28.44
N THR A 379 -16.99 -31.38 -28.23
CA THR A 379 -17.32 -32.56 -27.45
C THR A 379 -16.84 -32.33 -26.02
N GLN A 380 -17.41 -33.09 -25.06
CA GLN A 380 -17.08 -32.96 -23.64
C GLN A 380 -15.60 -33.22 -23.41
N GLU A 381 -15.02 -34.17 -24.18
CA GLU A 381 -13.60 -34.46 -24.16
C GLU A 381 -12.79 -33.21 -24.52
N GLU A 382 -13.22 -32.49 -25.57
CA GLU A 382 -12.54 -31.30 -26.06
C GLU A 382 -12.69 -30.17 -25.03
N ILE A 383 -13.92 -29.96 -24.53
CA ILE A 383 -14.22 -28.92 -23.55
C ILE A 383 -13.32 -29.08 -22.33
N GLU A 384 -13.15 -30.32 -21.84
CA GLU A 384 -12.34 -30.58 -20.66
C GLU A 384 -10.86 -30.23 -20.91
N GLN A 385 -10.39 -30.37 -22.16
CA GLN A 385 -9.02 -29.98 -22.49
C GLN A 385 -8.93 -28.45 -22.63
N ILE A 386 -9.96 -27.82 -23.21
CA ILE A 386 -9.99 -26.37 -23.37
C ILE A 386 -9.89 -25.70 -21.99
N SER A 387 -10.69 -26.19 -21.03
CA SER A 387 -10.82 -25.56 -19.72
C SER A 387 -9.50 -25.50 -18.94
N ASN A 388 -8.47 -26.27 -19.35
CA ASN A 388 -7.18 -26.27 -18.67
C ASN A 388 -6.13 -25.47 -19.46
N LEU A 389 -6.56 -24.51 -20.29
CA LEU A 389 -5.63 -23.65 -21.01
C LEU A 389 -5.20 -22.50 -20.08
N LYS A 390 -3.99 -21.95 -20.33
CA LYS A 390 -3.40 -20.92 -19.49
C LYS A 390 -3.02 -19.70 -20.32
N GLY A 391 -2.81 -18.56 -19.63
CA GLY A 391 -2.25 -17.36 -20.24
C GLY A 391 -3.30 -16.43 -20.84
N TYR A 392 -4.59 -16.69 -20.59
CA TYR A 392 -5.67 -15.84 -21.07
C TYR A 392 -5.93 -14.75 -20.02
N THR A 393 -5.39 -13.56 -20.28
CA THR A 393 -5.50 -12.40 -19.40
C THR A 393 -5.65 -11.15 -20.27
N GLY A 394 -5.92 -10.01 -19.63
CA GLY A 394 -5.69 -8.70 -20.23
C GLY A 394 -6.72 -8.33 -21.29
N THR A 395 -6.51 -7.15 -21.89
CA THR A 395 -7.42 -6.59 -22.87
C THR A 395 -6.65 -6.02 -24.05
N HIS A 396 -7.31 -6.01 -25.22
CA HIS A 396 -6.88 -5.25 -26.38
C HIS A 396 -7.29 -3.80 -26.09
N ASN A 397 -6.80 -2.82 -26.85
CA ASN A 397 -7.16 -1.43 -26.59
C ASN A 397 -8.53 -1.10 -27.19
N LEU A 398 -8.95 -1.83 -28.23
CA LEU A 398 -10.22 -1.58 -28.90
C LEU A 398 -11.23 -2.63 -28.46
N SER A 399 -12.52 -2.33 -28.68
CA SER A 399 -13.60 -3.30 -28.50
C SER A 399 -13.72 -4.15 -29.76
N LEU A 400 -14.47 -5.26 -29.69
CA LEU A 400 -14.76 -6.08 -30.86
C LEU A 400 -15.57 -5.27 -31.87
N LYS A 401 -16.49 -4.43 -31.37
CA LYS A 401 -17.26 -3.51 -32.22
C LYS A 401 -16.32 -2.74 -33.14
N ALA A 402 -15.26 -2.16 -32.57
CA ALA A 402 -14.32 -1.32 -33.31
C ALA A 402 -13.49 -2.15 -34.29
N ILE A 403 -13.12 -3.39 -33.89
CA ILE A 403 -12.26 -4.24 -34.71
C ILE A 403 -13.05 -4.77 -35.90
N ASN A 404 -14.26 -5.30 -35.64
CA ASN A 404 -15.10 -5.88 -36.69
C ASN A 404 -15.58 -4.79 -37.67
N LEU A 405 -15.48 -3.51 -37.27
CA LEU A 405 -15.76 -2.39 -38.16
C LEU A 405 -14.71 -2.32 -39.27
N ILE A 406 -13.42 -2.34 -38.90
CA ILE A 406 -12.29 -1.93 -39.74
C ILE A 406 -11.56 -3.12 -40.35
N LEU A 407 -12.00 -4.35 -40.06
CA LEU A 407 -11.21 -5.53 -40.39
C LEU A 407 -11.10 -5.73 -41.89
N ASP A 408 -12.15 -5.32 -42.64
CA ASP A 408 -12.17 -5.43 -44.10
C ASP A 408 -11.24 -4.42 -44.75
N GLU A 409 -11.16 -3.20 -44.19
CA GLU A 409 -10.30 -2.15 -44.70
C GLU A 409 -8.82 -2.55 -44.58
N LEU A 410 -8.44 -3.13 -43.44
CA LEU A 410 -7.09 -3.64 -43.23
C LEU A 410 -6.82 -4.80 -44.20
N TRP A 411 -7.83 -5.64 -44.44
CA TRP A 411 -7.71 -6.77 -45.37
C TRP A 411 -7.37 -6.29 -46.77
N HIS A 412 -8.04 -5.22 -47.24
CA HIS A 412 -7.91 -4.78 -48.63
C HIS A 412 -6.83 -3.69 -48.75
N THR A 413 -7.06 -2.53 -48.11
CA THR A 413 -6.16 -1.38 -48.27
C THR A 413 -4.99 -1.51 -47.30
N ASN A 414 -3.80 -1.07 -47.74
CA ASN A 414 -2.62 -1.02 -46.88
C ASN A 414 -2.65 0.33 -46.16
N ASP A 415 -3.58 0.44 -45.20
CA ASP A 415 -3.86 1.69 -44.48
C ASP A 415 -3.54 1.53 -43.01
N ALA A 416 -3.27 2.67 -42.35
CA ALA A 416 -3.10 2.71 -40.90
C ALA A 416 -4.47 2.70 -40.23
N GLN A 417 -4.55 2.09 -39.04
CA GLN A 417 -5.78 2.02 -38.26
C GLN A 417 -6.35 3.43 -38.02
N ILE A 418 -5.46 4.40 -37.72
CA ILE A 418 -5.86 5.76 -37.39
C ILE A 418 -6.57 6.37 -38.60
N ALA A 419 -5.99 6.19 -39.80
CA ALA A 419 -6.52 6.73 -41.04
C ALA A 419 -7.94 6.24 -41.32
N ILE A 420 -8.22 4.96 -41.01
CA ILE A 420 -9.50 4.34 -41.33
C ILE A 420 -10.58 4.87 -40.37
N PHE A 421 -10.27 4.91 -39.06
CA PHE A 421 -11.20 5.43 -38.06
C PHE A 421 -11.42 6.93 -38.29
N ASN A 422 -10.36 7.65 -38.74
CA ASN A 422 -10.48 9.06 -39.11
C ASN A 422 -11.45 9.21 -40.28
N ALA A 423 -11.32 8.35 -41.30
CA ALA A 423 -12.15 8.41 -42.50
C ALA A 423 -13.61 8.13 -42.18
N LEU A 424 -13.89 7.07 -41.40
CA LEU A 424 -15.26 6.66 -41.11
C LEU A 424 -15.91 7.60 -40.08
N LYS A 425 -15.10 8.28 -39.25
CA LYS A 425 -15.59 9.29 -38.32
C LYS A 425 -15.27 10.68 -38.89
N GLN A 435 -22.15 25.46 -21.34
CA GLN A 435 -22.69 24.66 -20.21
C GLN A 435 -21.99 25.02 -18.90
N GLN A 436 -20.64 24.93 -18.89
CA GLN A 436 -19.86 25.12 -17.67
C GLN A 436 -19.47 26.59 -17.49
N LYS A 437 -19.42 27.03 -16.22
CA LYS A 437 -19.00 28.37 -15.82
C LYS A 437 -17.57 28.35 -15.27
N GLU A 438 -17.21 27.27 -14.54
CA GLU A 438 -15.91 27.13 -13.91
C GLU A 438 -15.32 25.77 -14.31
N ILE A 439 -13.99 25.61 -14.15
CA ILE A 439 -13.32 24.38 -14.55
C ILE A 439 -13.77 23.27 -13.59
N PRO A 440 -14.52 22.22 -14.04
CA PRO A 440 -15.05 21.23 -13.11
C PRO A 440 -13.98 20.24 -12.67
N THR A 441 -13.97 19.91 -11.36
CA THR A 441 -12.87 19.18 -10.74
C THR A 441 -13.00 17.67 -10.95
N THR A 442 -14.16 17.21 -11.45
CA THR A 442 -14.42 15.79 -11.66
C THR A 442 -13.67 15.27 -12.89
N LEU A 443 -13.31 16.18 -13.80
CA LEU A 443 -12.74 15.76 -15.09
C LEU A 443 -11.31 15.24 -14.92
N VAL A 444 -10.62 15.65 -13.84
CA VAL A 444 -9.31 15.11 -13.54
C VAL A 444 -9.48 13.63 -13.20
N ASP A 445 -10.55 13.28 -12.47
CA ASP A 445 -10.77 11.94 -11.92
C ASP A 445 -10.65 10.86 -12.99
N ASP A 446 -11.18 11.11 -14.20
CA ASP A 446 -11.22 10.07 -15.21
C ASP A 446 -9.82 9.59 -15.60
N PHE A 447 -8.83 10.49 -15.72
CA PHE A 447 -7.56 10.11 -16.33
C PHE A 447 -6.36 10.13 -15.36
N ILE A 448 -6.27 11.05 -14.38
CA ILE A 448 -5.19 10.98 -13.39
C ILE A 448 -5.65 10.04 -12.27
N LEU A 449 -4.79 9.08 -11.87
CA LEU A 449 -5.13 8.09 -10.85
C LEU A 449 -4.05 7.94 -9.76
N SER A 450 -2.94 8.71 -9.81
CA SER A 450 -1.85 8.56 -8.85
C SER A 450 -2.12 9.42 -7.60
N PRO A 451 -2.22 8.83 -6.38
CA PRO A 451 -2.92 9.51 -5.28
C PRO A 451 -2.34 10.87 -4.96
N VAL A 452 -1.01 10.92 -4.83
CA VAL A 452 -0.29 12.17 -4.58
C VAL A 452 -0.73 13.20 -5.62
N VAL A 453 -0.55 12.88 -6.91
CA VAL A 453 -0.65 13.87 -7.98
C VAL A 453 -2.09 14.35 -8.06
N LYS A 454 -3.04 13.39 -8.01
CA LYS A 454 -4.46 13.70 -8.05
C LYS A 454 -4.80 14.83 -7.08
N ARG A 455 -4.19 14.83 -5.89
CA ARG A 455 -4.49 15.84 -4.88
C ARG A 455 -3.92 17.19 -5.32
N SER A 456 -2.63 17.25 -5.71
CA SER A 456 -2.03 18.50 -6.14
C SER A 456 -2.84 19.15 -7.27
N PHE A 457 -3.38 18.33 -8.18
CA PHE A 457 -4.08 18.83 -9.35
C PHE A 457 -5.46 19.35 -8.98
N ILE A 458 -6.21 18.61 -8.16
CA ILE A 458 -7.53 19.07 -7.72
C ILE A 458 -7.35 20.44 -7.07
N GLN A 459 -6.32 20.60 -6.23
CA GLN A 459 -6.05 21.89 -5.61
C GLN A 459 -5.75 22.94 -6.68
N SER A 460 -4.94 22.61 -7.70
CA SER A 460 -4.51 23.57 -8.71
C SER A 460 -5.69 24.13 -9.50
N ILE A 461 -6.66 23.27 -9.83
CA ILE A 461 -7.84 23.69 -10.56
C ILE A 461 -8.68 24.59 -9.66
N LYS A 462 -8.82 24.23 -8.38
CA LYS A 462 -9.53 25.07 -7.42
C LYS A 462 -8.83 26.42 -7.28
N VAL A 463 -7.49 26.45 -7.36
CA VAL A 463 -6.75 27.71 -7.26
C VAL A 463 -7.00 28.56 -8.50
N ILE A 464 -6.94 27.97 -9.72
CA ILE A 464 -7.16 28.73 -10.95
C ILE A 464 -8.58 29.32 -10.95
N ASN A 465 -9.59 28.51 -10.61
CA ASN A 465 -10.98 28.98 -10.56
C ASN A 465 -11.11 30.22 -9.67
N ALA A 466 -10.44 30.22 -8.52
CA ALA A 466 -10.55 31.31 -7.56
C ALA A 466 -9.89 32.59 -8.08
N ILE A 467 -8.88 32.46 -8.96
CA ILE A 467 -8.24 33.63 -9.54
C ILE A 467 -9.15 34.18 -10.63
N ILE A 468 -9.58 33.33 -11.59
CA ILE A 468 -10.47 33.73 -12.67
C ILE A 468 -11.67 34.49 -12.10
N LYS A 469 -12.23 34.03 -10.96
CA LYS A 469 -13.32 34.74 -10.31
C LYS A 469 -12.89 36.13 -9.86
N LYS A 470 -11.77 36.24 -9.13
CA LYS A 470 -11.37 37.49 -8.48
C LYS A 470 -10.79 38.50 -9.47
N TYR A 471 -10.04 38.03 -10.48
CA TYR A 471 -9.31 38.91 -11.38
C TYR A 471 -9.76 38.83 -12.83
N GLY A 472 -10.77 38.01 -13.16
CA GLY A 472 -11.15 37.81 -14.55
C GLY A 472 -10.17 36.85 -15.24
N LEU A 473 -10.34 36.64 -16.55
CA LEU A 473 -9.55 35.64 -17.27
C LEU A 473 -8.09 36.10 -17.38
N PRO A 474 -7.10 35.17 -17.28
CA PRO A 474 -5.73 35.50 -17.64
C PRO A 474 -5.54 35.59 -19.15
N ASN A 475 -4.42 36.18 -19.57
CA ASN A 475 -3.98 36.13 -20.97
C ASN A 475 -3.27 34.80 -21.19
N ASP A 476 -2.34 34.46 -20.29
CA ASP A 476 -1.61 33.20 -20.33
C ASP A 476 -1.65 32.52 -18.96
N ILE A 477 -1.64 31.19 -18.96
CA ILE A 477 -1.41 30.39 -17.76
C ILE A 477 -0.14 29.58 -18.03
N ILE A 478 0.75 29.50 -17.04
CA ILE A 478 2.01 28.79 -17.18
C ILE A 478 2.13 27.83 -16.00
N ILE A 479 2.76 26.68 -16.23
CA ILE A 479 2.84 25.61 -15.24
C ILE A 479 4.28 25.12 -15.18
N GLU A 480 4.78 24.68 -14.01
CA GLU A 480 6.16 24.22 -14.02
C GLU A 480 6.21 22.75 -14.42
N LEU A 481 6.66 22.49 -15.67
CA LEU A 481 6.93 21.16 -16.16
C LEU A 481 8.29 20.73 -15.60
N ALA A 482 8.46 19.41 -15.40
CA ALA A 482 9.74 18.80 -15.10
C ALA A 482 10.00 17.73 -16.16
N ARG A 483 10.75 18.09 -17.22
CA ARG A 483 11.05 17.18 -18.32
C ARG A 483 12.43 16.56 -18.10
N GLU A 484 12.57 15.29 -18.50
CA GLU A 484 13.82 14.54 -18.38
C GLU A 484 14.11 13.84 -19.70
N LYS A 485 14.87 14.53 -20.58
CA LYS A 485 15.30 13.98 -21.85
C LYS A 485 16.40 12.95 -21.59
N ASN A 486 16.41 11.87 -22.40
CA ASN A 486 17.36 10.78 -22.24
C ASN A 486 18.56 10.99 -23.15
N SER A 487 19.77 10.80 -22.59
CA SER A 487 21.01 10.90 -23.34
C SER A 487 21.16 9.66 -24.22
N LYS A 488 21.92 9.79 -25.31
CA LYS A 488 22.09 8.71 -26.28
C LYS A 488 22.86 7.57 -25.65
N ASP A 489 23.98 7.89 -24.98
CA ASP A 489 24.79 6.90 -24.29
C ASP A 489 23.94 6.18 -23.25
N ALA A 490 23.08 6.92 -22.55
CA ALA A 490 22.18 6.35 -21.56
C ALA A 490 21.23 5.35 -22.21
N GLN A 491 20.61 5.78 -23.31
CA GLN A 491 19.67 4.94 -24.05
C GLN A 491 20.35 3.64 -24.45
N LYS A 492 21.60 3.75 -24.95
CA LYS A 492 22.35 2.58 -25.38
C LYS A 492 22.55 1.63 -24.20
N MET A 493 22.91 2.18 -23.03
CA MET A 493 23.15 1.38 -21.84
C MET A 493 21.85 0.71 -21.39
N ILE A 494 20.76 1.49 -21.39
CA ILE A 494 19.45 0.97 -21.00
C ILE A 494 19.10 -0.18 -21.94
N ASN A 495 19.31 0.03 -23.25
CA ASN A 495 19.02 -0.99 -24.25
C ASN A 495 19.88 -2.23 -23.98
N GLU A 496 21.16 -2.02 -23.68
CA GLU A 496 22.07 -3.12 -23.37
C GLU A 496 21.60 -3.84 -22.12
N MET A 497 21.17 -3.07 -21.10
CA MET A 497 20.68 -3.65 -19.86
C MET A 497 19.43 -4.49 -20.13
N GLN A 498 18.50 -3.92 -20.90
CA GLN A 498 17.25 -4.61 -21.24
C GLN A 498 17.56 -5.89 -22.02
N LYS A 499 18.53 -5.79 -22.94
CA LYS A 499 18.98 -6.94 -23.71
C LYS A 499 19.51 -8.03 -22.77
N ARG A 500 20.26 -7.62 -21.73
CA ARG A 500 20.82 -8.53 -20.75
C ARG A 500 19.69 -9.15 -19.92
N ASN A 501 18.71 -8.33 -19.50
CA ASN A 501 17.60 -8.77 -18.67
C ASN A 501 16.73 -9.79 -19.42
N ARG A 502 16.47 -9.54 -20.71
CA ARG A 502 15.67 -10.43 -21.52
C ARG A 502 16.26 -11.84 -21.54
N GLN A 503 17.59 -11.92 -21.69
CA GLN A 503 18.29 -13.20 -21.74
C GLN A 503 18.07 -13.98 -20.45
N THR A 504 18.19 -13.30 -19.30
CA THR A 504 18.01 -13.93 -18.00
C THR A 504 16.56 -14.43 -17.90
N ASN A 505 15.60 -13.57 -18.28
CA ASN A 505 14.19 -13.91 -18.21
C ASN A 505 13.86 -15.11 -19.09
N GLU A 506 14.43 -15.14 -20.30
CA GLU A 506 14.21 -16.24 -21.23
C GLU A 506 14.71 -17.55 -20.63
N ARG A 507 15.87 -17.51 -19.97
CA ARG A 507 16.43 -18.69 -19.32
C ARG A 507 15.50 -19.15 -18.21
N ILE A 508 15.04 -18.21 -17.39
CA ILE A 508 14.14 -18.53 -16.30
C ILE A 508 12.90 -19.21 -16.87
N GLU A 509 12.36 -18.66 -17.97
CA GLU A 509 11.20 -19.22 -18.63
C GLU A 509 11.51 -20.63 -19.15
N GLU A 510 12.72 -20.83 -19.69
CA GLU A 510 13.16 -22.12 -20.18
C GLU A 510 13.21 -23.13 -19.02
N ILE A 511 13.77 -22.71 -17.88
CA ILE A 511 13.85 -23.58 -16.71
C ILE A 511 12.44 -24.02 -16.31
N ILE A 512 11.49 -23.07 -16.29
CA ILE A 512 10.13 -23.38 -15.86
C ILE A 512 9.48 -24.32 -16.89
N ARG A 513 9.73 -24.09 -18.18
CA ARG A 513 9.19 -24.91 -19.26
C ARG A 513 9.71 -26.34 -19.16
N THR A 514 11.01 -26.51 -18.86
CA THR A 514 11.66 -27.81 -18.85
C THR A 514 11.33 -28.57 -17.56
N THR A 515 11.31 -27.88 -16.41
CA THR A 515 11.00 -28.52 -15.12
C THR A 515 9.54 -28.97 -15.05
N GLY A 516 8.70 -28.51 -15.99
CA GLY A 516 7.28 -28.87 -16.03
C GLY A 516 6.49 -28.14 -14.95
N LYS A 517 7.11 -27.15 -14.29
CA LYS A 517 6.49 -26.46 -13.18
C LYS A 517 5.61 -25.34 -13.75
N GLU A 518 4.66 -24.86 -12.93
CA GLU A 518 3.66 -23.91 -13.39
C GLU A 518 4.27 -22.52 -13.61
N ASN A 519 4.01 -21.93 -14.79
CA ASN A 519 4.47 -20.59 -15.11
C ASN A 519 3.72 -19.61 -14.21
N ALA A 520 4.47 -18.95 -13.31
CA ALA A 520 3.89 -18.03 -12.35
C ALA A 520 4.75 -16.77 -12.23
N LYS A 521 4.08 -15.62 -12.03
CA LYS A 521 4.74 -14.33 -11.90
C LYS A 521 5.50 -14.23 -10.58
N TYR A 522 5.23 -15.13 -9.61
CA TYR A 522 5.95 -15.14 -8.34
C TYR A 522 7.19 -16.05 -8.41
N LEU A 523 7.23 -17.00 -9.37
CA LEU A 523 8.33 -17.96 -9.44
C LEU A 523 9.55 -17.32 -10.10
N ILE A 524 9.29 -16.52 -11.15
CA ILE A 524 10.30 -15.77 -11.88
C ILE A 524 11.09 -14.91 -10.89
N GLU A 525 10.38 -14.19 -10.00
CA GLU A 525 11.00 -13.29 -9.04
C GLU A 525 11.92 -14.07 -8.09
N LYS A 526 11.45 -15.21 -7.56
CA LYS A 526 12.23 -16.02 -6.64
C LYS A 526 13.47 -16.57 -7.32
N ILE A 527 13.31 -17.01 -8.58
CA ILE A 527 14.41 -17.60 -9.33
C ILE A 527 15.46 -16.51 -9.60
N LYS A 528 14.99 -15.31 -9.97
CA LYS A 528 15.87 -14.18 -10.22
C LYS A 528 16.67 -13.88 -8.96
N LEU A 529 16.00 -13.82 -7.80
CA LEU A 529 16.65 -13.56 -6.52
C LEU A 529 17.62 -14.69 -6.16
N HIS A 530 17.20 -15.95 -6.42
CA HIS A 530 18.02 -17.11 -6.16
C HIS A 530 19.36 -17.02 -6.90
N ASP A 531 19.30 -16.71 -8.20
CA ASP A 531 20.50 -16.60 -9.03
C ASP A 531 21.38 -15.45 -8.54
N MET A 532 20.72 -14.33 -8.20
CA MET A 532 21.41 -13.16 -7.69
C MET A 532 22.16 -13.46 -6.40
N GLN A 533 21.59 -14.33 -5.54
CA GLN A 533 22.13 -14.60 -4.22
C GLN A 533 22.99 -15.87 -4.17
N GLU A 534 23.34 -16.43 -5.34
CA GLU A 534 24.13 -17.65 -5.46
C GLU A 534 23.40 -18.81 -4.75
N GLY A 535 22.06 -18.78 -4.77
CA GLY A 535 21.24 -19.83 -4.19
C GLY A 535 21.38 -19.94 -2.67
N LYS A 536 21.67 -18.82 -2.00
CA LYS A 536 21.85 -18.83 -0.56
C LYS A 536 20.87 -17.85 0.08
N CYS A 537 20.42 -18.21 1.31
CA CYS A 537 19.67 -17.31 2.16
C CYS A 537 20.62 -16.26 2.71
N LEU A 538 20.35 -14.97 2.45
CA LEU A 538 21.28 -13.90 2.81
C LEU A 538 21.36 -13.70 4.33
N TYR A 539 20.33 -14.10 5.08
CA TYR A 539 20.31 -13.89 6.53
C TYR A 539 21.02 -15.03 7.27
N SER A 540 20.87 -16.27 6.79
CA SER A 540 21.49 -17.44 7.41
C SER A 540 22.71 -17.91 6.64
N LEU A 541 22.83 -17.53 5.35
CA LEU A 541 23.90 -17.95 4.45
C LEU A 541 23.79 -19.45 4.15
N GLU A 542 22.63 -20.08 4.45
CA GLU A 542 22.40 -21.49 4.16
C GLU A 542 21.92 -21.60 2.72
N ALA A 543 22.19 -22.77 2.10
CA ALA A 543 21.88 -23.01 0.70
C ALA A 543 20.37 -23.09 0.47
N ILE A 544 19.91 -22.50 -0.64
CA ILE A 544 18.55 -22.66 -1.14
C ILE A 544 18.67 -23.50 -2.42
N PRO A 545 18.60 -24.85 -2.34
CA PRO A 545 18.65 -25.68 -3.54
C PRO A 545 17.54 -25.34 -4.52
N LEU A 546 17.91 -25.13 -5.79
CA LEU A 546 16.97 -24.77 -6.84
C LEU A 546 15.83 -25.78 -6.90
N GLU A 547 16.15 -27.08 -6.80
CA GLU A 547 15.17 -28.16 -6.84
C GLU A 547 14.16 -28.03 -5.69
N ASP A 548 14.67 -27.74 -4.48
CA ASP A 548 13.82 -27.58 -3.30
C ASP A 548 12.93 -26.35 -3.45
N LEU A 549 13.50 -25.24 -3.96
CA LEU A 549 12.73 -24.03 -4.23
C LEU A 549 11.57 -24.34 -5.17
N LEU A 550 11.82 -25.16 -6.20
CA LEU A 550 10.80 -25.50 -7.19
C LEU A 550 9.73 -26.42 -6.59
N ASN A 551 10.12 -27.34 -5.70
CA ASN A 551 9.20 -28.33 -5.15
C ASN A 551 8.46 -27.81 -3.92
N ASN A 552 9.14 -26.98 -3.11
CA ASN A 552 8.60 -26.48 -1.86
C ASN A 552 8.78 -24.97 -1.80
N PRO A 553 8.12 -24.19 -2.68
CA PRO A 553 8.30 -22.74 -2.71
C PRO A 553 7.92 -22.03 -1.41
N PHE A 554 7.02 -22.63 -0.61
CA PHE A 554 6.52 -22.05 0.63
C PHE A 554 7.60 -22.01 1.73
N ASN A 555 8.66 -22.81 1.59
CA ASN A 555 9.78 -22.81 2.54
C ASN A 555 10.65 -21.57 2.38
N TYR A 556 10.47 -20.85 1.26
CA TYR A 556 11.27 -19.65 0.97
C TYR A 556 10.35 -18.48 0.70
N GLU A 557 10.69 -17.32 1.28
CA GLU A 557 9.88 -16.14 1.17
C GLU A 557 10.72 -14.97 0.66
N VAL A 558 10.07 -14.08 -0.09
CA VAL A 558 10.69 -12.83 -0.54
C VAL A 558 10.52 -11.84 0.61
N ASP A 559 11.66 -11.37 1.15
CA ASP A 559 11.66 -10.43 2.26
C ASP A 559 12.05 -9.05 1.78
N HIS A 560 11.50 -8.00 2.42
CA HIS A 560 11.93 -6.64 2.20
C HIS A 560 13.12 -6.34 3.12
N ILE A 561 14.24 -5.87 2.53
CA ILE A 561 15.45 -5.57 3.28
C ILE A 561 15.12 -4.49 4.32
N ILE A 562 14.60 -3.36 3.83
CA ILE A 562 14.09 -2.31 4.68
C ILE A 562 12.58 -2.50 4.79
N PRO A 563 12.03 -2.68 6.02
CA PRO A 563 10.62 -3.00 6.20
C PRO A 563 9.68 -2.12 5.37
N ARG A 564 8.67 -2.76 4.78
CA ARG A 564 7.64 -2.06 4.04
C ARG A 564 6.92 -1.04 4.94
N SER A 565 6.69 -1.42 6.21
CA SER A 565 6.00 -0.58 7.17
C SER A 565 6.73 0.74 7.42
N VAL A 566 8.05 0.78 7.18
CA VAL A 566 8.87 1.95 7.45
C VAL A 566 9.08 2.72 6.14
N SER A 567 9.53 2.04 5.09
CA SER A 567 9.82 2.66 3.80
C SER A 567 8.54 2.67 2.95
N PHE A 568 8.67 2.99 1.67
CA PHE A 568 7.58 2.87 0.72
C PHE A 568 8.12 2.18 -0.52
N ASP A 569 9.11 1.28 -0.31
CA ASP A 569 9.86 0.69 -1.41
C ASP A 569 9.53 -0.79 -1.58
N ASN A 570 8.94 -1.12 -2.74
CA ASN A 570 8.59 -2.49 -3.12
C ASN A 570 9.45 -2.92 -4.30
N SER A 571 10.56 -2.21 -4.55
CA SER A 571 11.40 -2.48 -5.70
C SER A 571 12.21 -3.75 -5.46
N PHE A 572 12.66 -4.38 -6.57
CA PHE A 572 13.51 -5.56 -6.56
C PHE A 572 14.75 -5.31 -5.69
N ASN A 573 15.26 -4.06 -5.67
CA ASN A 573 16.42 -3.68 -4.89
C ASN A 573 16.17 -3.78 -3.38
N ASN A 574 14.90 -3.74 -2.96
CA ASN A 574 14.55 -3.86 -1.56
C ASN A 574 14.03 -5.27 -1.24
N LYS A 575 14.32 -6.26 -2.11
CA LYS A 575 13.82 -7.62 -1.95
C LYS A 575 14.96 -8.64 -1.93
N VAL A 576 14.79 -9.69 -1.12
CA VAL A 576 15.76 -10.77 -0.98
C VAL A 576 14.98 -12.07 -0.77
N LEU A 577 15.53 -13.19 -1.26
CA LEU A 577 14.95 -14.49 -1.03
C LEU A 577 15.55 -15.10 0.24
N VAL A 578 14.68 -15.44 1.21
CA VAL A 578 15.12 -15.94 2.51
C VAL A 578 14.27 -17.14 2.92
N LYS A 579 14.75 -17.90 3.91
CA LYS A 579 13.97 -18.97 4.52
C LYS A 579 12.82 -18.35 5.32
N GLN A 580 11.67 -19.04 5.33
CA GLN A 580 10.47 -18.61 6.03
C GLN A 580 10.76 -18.30 7.50
N GLU A 581 11.55 -19.17 8.17
CA GLU A 581 11.87 -19.03 9.57
C GLU A 581 12.68 -17.75 9.82
N GLU A 582 13.65 -17.47 8.95
CA GLU A 582 14.51 -16.29 9.08
C GLU A 582 13.69 -15.01 8.90
N ASN A 583 12.76 -15.03 7.95
CA ASN A 583 11.87 -13.90 7.69
C ASN A 583 11.03 -13.60 8.92
N SER A 584 10.49 -14.65 9.57
CA SER A 584 9.67 -14.50 10.76
C SER A 584 10.45 -13.87 11.91
N LYS A 585 11.72 -14.27 12.07
CA LYS A 585 12.57 -13.78 13.16
C LYS A 585 12.99 -12.33 12.94
N LYS A 586 13.36 -11.96 11.70
CA LYS A 586 13.78 -10.61 11.37
C LYS A 586 12.69 -9.60 11.72
N GLY A 587 11.43 -9.93 11.40
CA GLY A 587 10.30 -9.04 11.65
C GLY A 587 10.47 -7.72 10.92
N ASN A 588 10.16 -6.60 11.61
CA ASN A 588 10.22 -5.26 11.04
C ASN A 588 11.55 -4.60 11.43
N ARG A 589 12.66 -5.34 11.24
CA ARG A 589 13.98 -4.85 11.55
C ARG A 589 14.86 -4.89 10.30
N THR A 590 15.91 -4.06 10.27
CA THR A 590 16.89 -4.08 9.20
C THR A 590 17.78 -5.31 9.39
N PRO A 591 18.54 -5.78 8.37
CA PRO A 591 19.53 -6.82 8.61
C PRO A 591 20.48 -6.52 9.78
N PHE A 592 20.91 -5.26 9.90
CA PHE A 592 21.82 -4.86 10.97
C PHE A 592 21.18 -5.09 12.34
N GLN A 593 19.93 -4.61 12.51
CA GLN A 593 19.23 -4.72 13.78
C GLN A 593 18.99 -6.20 14.13
N TYR A 594 18.58 -6.98 13.13
CA TYR A 594 18.28 -8.38 13.33
C TYR A 594 19.55 -9.17 13.66
N LEU A 595 20.60 -8.97 12.85
CA LEU A 595 21.83 -9.75 12.98
C LEU A 595 22.62 -9.34 14.22
N SER A 596 22.29 -8.17 14.79
CA SER A 596 22.90 -7.71 16.04
C SER A 596 22.12 -8.21 17.25
N SER A 597 20.94 -8.82 17.03
CA SER A 597 20.11 -9.35 18.10
C SER A 597 20.52 -10.78 18.44
N SER A 598 19.96 -11.34 19.52
CA SER A 598 20.22 -12.70 19.96
C SER A 598 19.50 -13.75 19.09
N ASP A 599 18.60 -13.31 18.20
CA ASP A 599 17.78 -14.20 17.39
C ASP A 599 18.51 -14.73 16.16
N SER A 600 19.64 -14.12 15.77
CA SER A 600 20.29 -14.41 14.50
C SER A 600 21.24 -15.61 14.60
N LYS A 601 21.38 -16.34 13.50
CA LYS A 601 22.22 -17.53 13.40
C LYS A 601 23.68 -17.11 13.15
N ILE A 602 23.87 -16.00 12.43
CA ILE A 602 25.20 -15.52 12.05
C ILE A 602 25.37 -14.10 12.57
N SER A 603 26.65 -13.66 12.65
CA SER A 603 27.00 -12.31 13.08
C SER A 603 26.85 -11.35 11.90
N TYR A 604 26.57 -10.06 12.22
CA TYR A 604 26.46 -9.02 11.21
C TYR A 604 27.78 -8.87 10.45
N GLU A 605 28.91 -9.02 11.15
CA GLU A 605 30.23 -8.91 10.55
C GLU A 605 30.40 -9.94 9.43
N THR A 606 29.98 -11.19 9.68
CA THR A 606 30.04 -12.25 8.68
C THR A 606 29.14 -11.89 7.50
N PHE A 607 27.93 -11.40 7.78
CA PHE A 607 26.97 -11.01 6.77
C PHE A 607 27.55 -9.89 5.90
N LYS A 608 28.08 -8.85 6.57
CA LYS A 608 28.63 -7.68 5.89
C LYS A 608 29.72 -8.11 4.90
N LYS A 609 30.64 -8.99 5.34
CA LYS A 609 31.73 -9.48 4.52
C LYS A 609 31.18 -10.16 3.27
N HIS A 610 30.13 -10.98 3.46
CA HIS A 610 29.53 -11.72 2.36
C HIS A 610 28.94 -10.76 1.33
N ILE A 611 28.23 -9.73 1.81
CA ILE A 611 27.57 -8.78 0.93
C ILE A 611 28.62 -8.01 0.14
N LEU A 612 29.68 -7.58 0.82
CA LEU A 612 30.76 -6.85 0.15
C LEU A 612 31.40 -7.72 -0.93
N ASN A 613 31.54 -9.03 -0.64
CA ASN A 613 32.10 -9.98 -1.60
C ASN A 613 31.17 -10.13 -2.80
N LEU A 614 29.85 -10.15 -2.56
CA LEU A 614 28.87 -10.27 -3.62
C LEU A 614 28.88 -9.03 -4.50
N ALA A 615 29.12 -7.85 -3.89
CA ALA A 615 29.18 -6.58 -4.60
C ALA A 615 30.38 -6.48 -5.53
N LYS A 616 31.47 -7.21 -5.25
CA LYS A 616 32.68 -7.18 -6.07
C LYS A 616 32.42 -7.63 -7.52
N GLY A 617 31.41 -8.50 -7.73
CA GLY A 617 31.08 -9.04 -9.05
C GLY A 617 30.56 -7.98 -10.03
N LYS A 618 30.40 -8.40 -11.30
CA LYS A 618 30.03 -7.50 -12.39
C LYS A 618 28.61 -6.98 -12.17
N GLY A 619 27.60 -7.84 -12.37
CA GLY A 619 26.19 -7.45 -12.22
C GLY A 619 25.51 -8.30 -11.14
N ARG A 620 26.21 -8.50 -10.03
CA ARG A 620 25.72 -9.35 -8.94
C ARG A 620 24.68 -8.57 -8.13
N ILE A 621 25.11 -7.59 -7.32
CA ILE A 621 24.16 -6.80 -6.55
C ILE A 621 24.30 -5.32 -6.91
N SER A 622 23.15 -4.64 -7.04
CA SER A 622 23.10 -3.23 -7.35
C SER A 622 23.62 -2.44 -6.16
N LYS A 623 24.06 -1.19 -6.42
CA LYS A 623 24.53 -0.29 -5.39
C LYS A 623 23.42 -0.04 -4.36
N THR A 624 22.19 0.21 -4.84
CA THR A 624 21.07 0.51 -3.97
C THR A 624 20.81 -0.67 -3.02
N LYS A 625 20.77 -1.90 -3.57
CA LYS A 625 20.54 -3.10 -2.77
C LYS A 625 21.60 -3.24 -1.69
N LYS A 626 22.87 -3.05 -2.08
CA LYS A 626 24.00 -3.15 -1.17
C LYS A 626 23.79 -2.18 -0.02
N GLU A 627 23.42 -0.94 -0.33
CA GLU A 627 23.20 0.10 0.68
C GLU A 627 22.07 -0.32 1.63
N TYR A 628 20.98 -0.88 1.10
CA TYR A 628 19.86 -1.34 1.91
C TYR A 628 20.31 -2.47 2.82
N LEU A 629 21.08 -3.42 2.27
CA LEU A 629 21.55 -4.58 3.02
C LEU A 629 22.49 -4.15 4.13
N LEU A 630 23.23 -3.06 3.91
CA LEU A 630 24.22 -2.58 4.87
C LEU A 630 23.75 -1.30 5.57
N GLU A 631 22.43 -1.08 5.67
CA GLU A 631 21.88 0.09 6.33
C GLU A 631 22.07 -0.06 7.85
N GLU A 632 22.87 0.83 8.46
CA GLU A 632 23.17 0.75 9.88
C GLU A 632 22.49 1.86 10.67
N ARG A 633 21.93 2.87 10.01
CA ARG A 633 21.27 3.96 10.71
C ARG A 633 20.03 3.43 11.45
N ASP A 634 19.63 4.12 12.52
CA ASP A 634 18.42 3.80 13.24
C ASP A 634 17.22 4.20 12.38
N ILE A 635 16.55 3.20 11.80
CA ILE A 635 15.53 3.41 10.78
C ILE A 635 14.21 2.85 11.30
N ASN A 636 13.39 3.76 11.86
CA ASN A 636 12.01 3.49 12.26
C ASN A 636 11.11 4.39 11.40
N ARG A 637 9.79 4.23 11.54
CA ARG A 637 8.80 4.90 10.69
C ARG A 637 8.94 6.42 10.67
N PHE A 638 9.39 7.05 11.77
CA PHE A 638 9.41 8.49 11.91
C PHE A 638 10.81 9.03 11.66
N SER A 639 11.83 8.34 12.20
CA SER A 639 13.23 8.72 11.98
C SER A 639 13.56 8.78 10.49
N VAL A 640 13.01 7.84 9.70
CA VAL A 640 13.27 7.73 8.27
C VAL A 640 12.62 8.88 7.51
N GLN A 641 11.63 9.59 8.08
CA GLN A 641 10.94 10.65 7.36
C GLN A 641 11.94 11.72 6.93
N LYS A 642 12.77 12.21 7.88
CA LYS A 642 13.77 13.21 7.54
C LYS A 642 14.75 12.63 6.53
N ASP A 643 15.18 11.38 6.76
CA ASP A 643 16.11 10.68 5.90
C ASP A 643 15.38 10.16 4.66
N PHE A 644 16.12 9.48 3.76
CA PHE A 644 15.60 8.71 2.63
C PHE A 644 14.65 9.55 1.76
N ILE A 645 15.25 10.40 0.91
CA ILE A 645 14.50 11.10 -0.12
C ILE A 645 13.98 10.07 -1.13
N ASN A 646 14.76 9.01 -1.38
CA ASN A 646 14.37 7.85 -2.17
C ASN A 646 13.97 8.33 -3.58
N ARG A 647 13.11 7.57 -4.28
CA ARG A 647 12.59 7.97 -5.57
C ARG A 647 11.50 9.01 -5.34
N ASN A 648 11.84 10.28 -5.63
CA ASN A 648 10.92 11.40 -5.48
C ASN A 648 9.87 11.32 -6.60
N LEU A 649 8.90 12.24 -6.59
CA LEU A 649 7.81 12.22 -7.55
C LEU A 649 8.17 13.13 -8.73
N VAL A 650 9.14 12.66 -9.53
CA VAL A 650 9.56 13.31 -10.77
C VAL A 650 8.70 12.78 -11.91
N ASP A 651 7.95 11.68 -11.68
CA ASP A 651 7.07 11.07 -12.68
C ASP A 651 5.79 11.91 -12.83
N THR A 652 5.95 13.14 -13.32
CA THR A 652 4.83 14.06 -13.53
C THR A 652 4.79 14.54 -15.00
N ARG A 653 5.46 13.83 -15.93
CA ARG A 653 5.51 14.23 -17.33
C ARG A 653 4.15 13.91 -17.96
N TYR A 654 3.72 12.64 -17.82
CA TYR A 654 2.38 12.19 -18.19
C TYR A 654 1.33 13.10 -17.54
N ALA A 655 1.59 13.51 -16.30
CA ALA A 655 0.68 14.35 -15.54
C ALA A 655 0.61 15.74 -16.15
N THR A 656 1.76 16.37 -16.42
CA THR A 656 1.82 17.73 -16.94
C THR A 656 1.11 17.79 -18.28
N ARG A 657 1.38 16.82 -19.17
CA ARG A 657 0.67 16.69 -20.44
C ARG A 657 -0.83 16.56 -20.20
N GLY A 658 -1.22 15.67 -19.27
CA GLY A 658 -2.61 15.44 -18.95
C GLY A 658 -3.34 16.70 -18.50
N LEU A 659 -2.68 17.51 -17.65
CA LEU A 659 -3.26 18.72 -17.09
C LEU A 659 -3.52 19.73 -18.21
N MET A 660 -2.49 20.05 -19.02
CA MET A 660 -2.63 21.07 -20.04
C MET A 660 -3.66 20.66 -21.10
N ASN A 661 -3.81 19.34 -21.35
CA ASN A 661 -4.82 18.85 -22.27
C ASN A 661 -6.21 19.12 -21.67
N LEU A 662 -6.37 18.88 -20.36
CA LEU A 662 -7.61 19.16 -19.66
C LEU A 662 -7.95 20.64 -19.81
N LEU A 663 -6.96 21.54 -19.56
CA LEU A 663 -7.22 22.98 -19.54
C LEU A 663 -7.49 23.50 -20.95
N ARG A 664 -6.64 23.12 -21.93
CA ARG A 664 -6.79 23.59 -23.30
C ARG A 664 -8.15 23.19 -23.83
N SER A 665 -8.56 21.93 -23.60
CA SER A 665 -9.89 21.45 -23.96
C SER A 665 -10.97 22.39 -23.41
N TYR A 666 -10.88 22.73 -22.13
CA TYR A 666 -11.88 23.53 -21.43
C TYR A 666 -12.05 24.89 -22.08
N PHE A 667 -10.94 25.60 -22.32
CA PHE A 667 -10.99 26.95 -22.86
C PHE A 667 -11.50 26.91 -24.30
N ARG A 668 -11.00 25.96 -25.09
CA ARG A 668 -11.40 25.77 -26.49
C ARG A 668 -12.92 25.64 -26.60
N VAL A 669 -13.52 24.74 -25.80
CA VAL A 669 -14.95 24.46 -25.89
C VAL A 669 -15.76 25.72 -25.58
N ASN A 670 -15.41 26.43 -24.50
CA ASN A 670 -16.20 27.55 -24.01
C ASN A 670 -15.87 28.86 -24.73
N ASN A 671 -14.85 28.86 -25.62
CA ASN A 671 -14.48 30.00 -26.45
C ASN A 671 -13.95 31.14 -25.55
N LEU A 672 -12.83 30.85 -24.87
CA LEU A 672 -12.15 31.79 -23.98
C LEU A 672 -10.69 31.85 -24.42
N ASP A 673 -10.20 33.04 -24.80
CA ASP A 673 -8.86 33.17 -25.36
C ASP A 673 -7.84 33.13 -24.22
N VAL A 674 -7.38 31.91 -23.88
CA VAL A 674 -6.44 31.68 -22.80
C VAL A 674 -5.34 30.74 -23.32
N LYS A 675 -4.07 31.17 -23.19
CA LYS A 675 -2.93 30.43 -23.71
C LYS A 675 -2.26 29.66 -22.57
N VAL A 676 -2.59 28.36 -22.44
CA VAL A 676 -1.97 27.51 -21.44
C VAL A 676 -0.60 27.10 -21.99
N LYS A 677 0.42 27.04 -21.11
CA LYS A 677 1.78 26.73 -21.51
C LYS A 677 2.44 25.85 -20.44
N SER A 678 3.72 25.50 -20.66
CA SER A 678 4.57 24.92 -19.62
C SER A 678 6.04 25.26 -19.89
N ILE A 679 6.86 25.27 -18.83
CA ILE A 679 8.28 25.57 -18.87
C ILE A 679 9.00 24.48 -18.06
N ASN A 680 10.27 24.20 -18.41
CA ASN A 680 11.02 23.09 -17.86
C ASN A 680 11.47 23.38 -16.43
N GLY A 681 11.45 22.33 -15.59
CA GLY A 681 11.80 22.41 -14.18
C GLY A 681 13.15 23.09 -13.96
N GLY A 682 14.15 22.60 -14.70
CA GLY A 682 15.51 23.14 -14.65
C GLY A 682 15.57 24.64 -14.94
N PHE A 683 14.78 25.10 -15.92
CA PHE A 683 14.91 26.46 -16.45
C PHE A 683 14.82 27.52 -15.35
N THR A 684 13.87 27.37 -14.40
CA THR A 684 13.69 28.35 -13.33
C THR A 684 15.02 28.55 -12.59
N SER A 685 15.68 27.44 -12.22
CA SER A 685 16.94 27.49 -11.48
C SER A 685 17.99 28.32 -12.22
N PHE A 686 18.05 28.20 -13.55
CA PHE A 686 19.01 28.94 -14.36
C PHE A 686 18.83 30.45 -14.13
N LEU A 687 17.59 30.94 -14.24
CA LEU A 687 17.30 32.36 -14.09
C LEU A 687 17.67 32.84 -12.68
N ARG A 688 17.49 31.98 -11.68
CA ARG A 688 17.81 32.30 -10.29
C ARG A 688 19.31 32.55 -10.16
N ARG A 689 20.12 31.67 -10.77
CA ARG A 689 21.57 31.82 -10.72
C ARG A 689 21.98 33.03 -11.57
N LYS A 690 21.31 33.23 -12.72
CA LYS A 690 21.61 34.33 -13.62
C LYS A 690 21.36 35.69 -12.96
N TRP A 691 20.21 35.84 -12.28
CA TRP A 691 19.82 37.10 -11.67
C TRP A 691 20.17 37.16 -10.17
N LYS A 692 20.99 36.21 -9.68
CA LYS A 692 21.54 36.23 -8.33
C LYS A 692 20.39 36.32 -7.32
N PHE A 693 19.67 35.21 -7.18
CA PHE A 693 18.45 35.11 -6.39
C PHE A 693 18.42 33.70 -5.79
N LYS A 694 19.06 33.55 -4.63
CA LYS A 694 19.39 32.25 -4.08
C LYS A 694 18.13 31.53 -3.61
N LYS A 695 17.91 30.29 -4.08
CA LYS A 695 16.78 29.49 -3.63
C LYS A 695 16.97 29.26 -2.13
N GLU A 696 16.01 29.77 -1.35
CA GLU A 696 16.16 29.91 0.09
C GLU A 696 15.45 28.78 0.81
N ARG A 697 16.22 27.77 1.24
CA ARG A 697 15.69 26.74 2.12
C ARG A 697 15.77 27.31 3.54
N ASN A 698 14.82 26.88 4.39
CA ASN A 698 14.72 27.27 5.80
C ASN A 698 14.24 28.72 5.96
N LYS A 699 13.89 29.43 4.87
CA LYS A 699 13.39 30.79 4.99
C LYS A 699 11.86 30.78 5.02
N GLY A 700 11.20 29.83 4.33
CA GLY A 700 9.78 29.60 4.55
C GLY A 700 9.10 29.03 3.32
N TYR A 701 7.76 29.03 3.34
CA TYR A 701 6.95 28.56 2.23
C TYR A 701 6.97 29.54 1.06
N LYS A 702 7.35 30.81 1.30
CA LYS A 702 7.37 31.84 0.27
C LYS A 702 8.17 31.42 -0.96
N HIS A 703 9.19 30.56 -0.82
CA HIS A 703 9.99 30.12 -1.96
C HIS A 703 9.10 29.57 -3.07
N HIS A 704 8.05 28.82 -2.73
CA HIS A 704 7.12 28.27 -3.72
C HIS A 704 6.46 29.38 -4.52
N ALA A 705 6.05 30.46 -3.83
CA ALA A 705 5.39 31.57 -4.47
C ALA A 705 6.39 32.35 -5.33
N GLU A 706 7.60 32.58 -4.82
CA GLU A 706 8.56 33.39 -5.56
C GLU A 706 9.15 32.57 -6.72
N ASP A 707 8.96 31.24 -6.71
CA ASP A 707 9.18 30.45 -7.91
C ASP A 707 8.11 30.77 -8.94
N ALA A 708 6.83 30.80 -8.52
CA ALA A 708 5.71 31.08 -9.43
C ALA A 708 5.92 32.41 -10.15
N LEU A 709 6.34 33.47 -9.43
CA LEU A 709 6.49 34.79 -10.03
C LEU A 709 7.57 34.79 -11.10
N ILE A 710 8.67 34.04 -10.87
CA ILE A 710 9.72 33.88 -11.85
C ILE A 710 9.15 33.24 -13.13
N ILE A 711 8.38 32.13 -12.97
CA ILE A 711 7.80 31.43 -14.11
C ILE A 711 7.00 32.42 -14.95
N ALA A 712 6.23 33.28 -14.27
CA ALA A 712 5.35 34.22 -14.96
C ALA A 712 6.16 35.26 -15.73
N ASN A 713 7.33 35.66 -15.20
CA ASN A 713 8.15 36.66 -15.86
C ASN A 713 9.10 36.04 -16.89
N ALA A 714 9.36 34.73 -16.77
CA ALA A 714 10.45 34.04 -17.45
C ALA A 714 10.82 34.67 -18.79
N ASP A 715 9.83 34.80 -19.68
CA ASP A 715 9.99 35.32 -21.03
C ASP A 715 10.63 36.70 -21.02
N PHE A 716 10.11 37.59 -20.17
CA PHE A 716 10.63 38.95 -20.04
C PHE A 716 12.06 38.92 -19.51
N ILE A 717 12.31 38.02 -18.54
CA ILE A 717 13.61 37.90 -17.91
C ILE A 717 14.60 37.39 -18.97
N PHE A 718 14.17 36.44 -19.81
CA PHE A 718 15.07 35.88 -20.81
C PHE A 718 15.38 36.92 -21.89
N LYS A 719 14.47 37.87 -22.16
CA LYS A 719 14.72 38.89 -23.17
C LYS A 719 15.74 39.91 -22.66
N GLU A 720 15.56 40.40 -21.41
CA GLU A 720 16.46 41.39 -20.84
C GLU A 720 17.49 40.71 -19.93
N TRP A 721 18.12 39.64 -20.46
CA TRP A 721 19.20 38.87 -19.83
C TRP A 721 19.65 39.47 -18.50
N THR A 759 15.32 43.82 -16.93
CA THR A 759 15.64 45.03 -16.14
C THR A 759 15.85 44.60 -14.69
N PRO A 760 16.89 45.12 -13.96
CA PRO A 760 16.98 44.91 -12.51
C PRO A 760 15.73 45.27 -11.72
N HIS A 761 15.00 46.30 -12.21
CA HIS A 761 13.82 46.85 -11.58
C HIS A 761 12.70 45.82 -11.41
N GLN A 762 12.46 44.98 -12.43
CA GLN A 762 11.41 43.98 -12.36
C GLN A 762 11.75 42.90 -11.33
N ILE A 763 13.01 42.47 -11.26
CA ILE A 763 13.42 41.42 -10.32
C ILE A 763 13.54 42.03 -8.93
N LYS A 764 13.80 43.35 -8.86
CA LYS A 764 13.75 44.08 -7.60
C LYS A 764 12.34 43.96 -7.02
N HIS A 765 11.31 44.16 -7.85
CA HIS A 765 9.92 43.99 -7.45
C HIS A 765 9.69 42.58 -6.91
N ILE A 766 10.16 41.53 -7.64
CA ILE A 766 9.92 40.15 -7.22
C ILE A 766 10.59 39.94 -5.86
N LYS A 767 11.85 40.37 -5.72
CA LYS A 767 12.66 40.06 -4.56
C LYS A 767 12.25 40.87 -3.33
N ASP A 768 11.90 42.15 -3.52
CA ASP A 768 11.53 43.04 -2.43
C ASP A 768 10.04 42.92 -2.07
N PHE A 769 9.26 42.18 -2.88
CA PHE A 769 7.84 41.98 -2.63
C PHE A 769 7.66 41.31 -1.28
N LYS A 770 6.57 41.66 -0.60
CA LYS A 770 6.34 41.22 0.77
C LYS A 770 4.96 40.56 0.94
N ASP A 771 3.90 41.16 0.37
CA ASP A 771 2.53 40.75 0.70
C ASP A 771 2.18 39.39 0.09
N TYR A 772 2.88 38.34 0.56
CA TYR A 772 2.56 36.96 0.21
C TYR A 772 1.34 36.54 1.02
N LYS A 773 0.71 35.44 0.59
CA LYS A 773 -0.48 34.92 1.23
C LYS A 773 -0.35 33.42 1.35
N TYR A 774 -0.80 32.88 2.49
CA TYR A 774 -0.71 31.45 2.75
C TYR A 774 -2.12 30.96 3.03
N SER A 775 -2.46 29.78 2.50
CA SER A 775 -3.75 29.17 2.76
C SER A 775 -3.58 27.70 3.12
N HIS A 776 -3.46 27.40 4.42
CA HIS A 776 -3.36 26.02 4.87
C HIS A 776 -4.75 25.40 4.82
N ARG A 777 -4.86 24.15 4.35
CA ARG A 777 -6.15 23.49 4.23
C ARG A 777 -6.58 22.94 5.59
N VAL A 778 -7.88 23.06 5.92
CA VAL A 778 -8.44 22.66 7.21
C VAL A 778 -9.17 21.32 7.05
N ASP A 779 -8.83 20.35 7.91
CA ASP A 779 -9.47 19.04 7.92
C ASP A 779 -10.59 19.03 8.96
N LYS A 780 -11.81 18.64 8.56
CA LYS A 780 -12.93 18.50 9.47
C LYS A 780 -13.59 17.11 9.35
N LYS A 781 -12.88 16.13 8.75
CA LYS A 781 -13.45 14.83 8.49
C LYS A 781 -13.72 14.09 9.80
N PRO A 782 -14.97 13.62 10.08
CA PRO A 782 -15.22 12.71 11.21
C PRO A 782 -14.88 11.25 10.89
N ASN A 783 -14.74 10.46 11.97
CA ASN A 783 -14.39 9.05 11.93
C ASN A 783 -13.02 8.83 11.28
N ARG A 784 -12.01 9.60 11.71
CA ARG A 784 -10.62 9.24 11.47
C ARG A 784 -10.21 8.30 12.62
N LYS A 785 -8.95 7.82 12.60
CA LYS A 785 -8.41 6.98 13.67
C LYS A 785 -8.77 7.57 15.03
N LEU A 786 -9.32 6.71 15.91
CA LEU A 786 -9.87 7.13 17.18
C LEU A 786 -8.85 7.09 18.31
N ILE A 787 -7.91 6.12 18.26
CA ILE A 787 -7.05 5.80 19.39
C ILE A 787 -5.95 4.85 18.93
N ASN A 788 -4.91 4.63 19.74
CA ASN A 788 -3.87 3.67 19.41
C ASN A 788 -4.32 2.24 19.72
N ASP A 789 -3.79 1.29 18.93
CA ASP A 789 -4.16 -0.12 18.97
C ASP A 789 -3.78 -0.81 20.29
N THR A 790 -2.58 -0.54 20.80
CA THR A 790 -1.98 -1.30 21.91
C THR A 790 -2.90 -1.33 23.13
N LEU A 791 -2.88 -2.47 23.84
CA LEU A 791 -3.60 -2.63 25.09
C LEU A 791 -2.58 -2.57 26.23
N TYR A 792 -2.99 -2.00 27.36
CA TYR A 792 -2.11 -1.90 28.52
C TYR A 792 -2.85 -2.40 29.76
N SER A 793 -2.14 -3.20 30.55
CA SER A 793 -2.63 -3.54 31.88
C SER A 793 -2.26 -2.39 32.82
N THR A 794 -2.91 -2.33 33.98
CA THR A 794 -2.57 -1.32 34.96
C THR A 794 -2.31 -2.00 36.30
N ARG A 795 -1.76 -1.22 37.24
CA ARG A 795 -1.56 -1.67 38.61
C ARG A 795 -1.56 -0.47 39.56
N LYS A 796 -2.01 -0.69 40.80
CA LYS A 796 -1.91 0.31 41.86
C LYS A 796 -0.61 0.05 42.60
N ASP A 797 0.22 1.11 42.73
CA ASP A 797 1.53 1.00 43.36
C ASP A 797 1.36 1.16 44.88
N ASP A 798 2.48 1.32 45.61
CA ASP A 798 2.48 1.46 47.06
C ASP A 798 1.71 2.71 47.50
N LYS A 799 1.87 3.83 46.76
CA LYS A 799 1.26 5.11 47.09
C LYS A 799 -0.22 5.15 46.72
N GLY A 800 -0.72 4.13 46.00
CA GLY A 800 -2.12 4.06 45.60
C GLY A 800 -2.38 4.86 44.32
N ASN A 801 -1.40 4.83 43.40
CA ASN A 801 -1.51 5.47 42.11
C ASN A 801 -1.62 4.38 41.05
N THR A 802 -2.70 4.41 40.25
CA THR A 802 -2.82 3.50 39.13
C THR A 802 -1.72 3.85 38.12
N ARG A 803 -1.01 2.83 37.63
CA ARG A 803 0.07 3.03 36.69
C ARG A 803 -0.04 2.02 35.55
N ILE A 804 0.35 2.45 34.36
CA ILE A 804 0.49 1.56 33.22
C ILE A 804 1.58 0.54 33.55
N VAL A 805 1.38 -0.75 33.22
CA VAL A 805 2.45 -1.74 33.28
C VAL A 805 3.18 -1.72 31.94
N ASN A 806 4.53 -1.69 31.98
CA ASN A 806 5.38 -1.78 30.80
C ASN A 806 6.05 -3.16 30.78
N ASN A 807 6.79 -3.46 29.69
CA ASN A 807 7.59 -4.68 29.58
C ASN A 807 8.97 -4.39 28.97
N LEU A 808 10.03 -4.94 29.59
CA LEU A 808 11.37 -4.94 29.00
C LEU A 808 11.54 -6.24 28.20
N ASN A 809 11.77 -6.09 26.88
CA ASN A 809 12.02 -7.21 25.97
C ASN A 809 13.45 -7.09 25.45
N GLY A 810 13.97 -8.18 24.86
CA GLY A 810 15.31 -8.20 24.30
C GLY A 810 16.34 -8.00 25.41
N LEU A 811 16.31 -8.89 26.40
CA LEU A 811 17.14 -8.76 27.59
C LEU A 811 18.58 -9.16 27.26
N TYR A 812 18.74 -10.11 26.32
CA TYR A 812 20.04 -10.68 26.00
C TYR A 812 20.53 -10.12 24.66
N ASP A 813 20.66 -8.78 24.56
CA ASP A 813 21.16 -8.11 23.38
C ASP A 813 22.43 -7.35 23.74
N LYS A 814 23.39 -7.30 22.81
CA LYS A 814 24.73 -6.75 23.07
C LYS A 814 24.64 -5.31 23.60
N ASP A 815 23.87 -4.46 22.91
CA ASP A 815 23.80 -3.04 23.20
C ASP A 815 22.39 -2.69 23.68
N ASN A 816 22.06 -3.14 24.90
CA ASN A 816 20.77 -2.84 25.52
C ASN A 816 20.98 -2.60 27.01
N ASP A 817 20.89 -1.33 27.42
CA ASP A 817 21.23 -0.90 28.77
C ASP A 817 19.97 -0.55 29.57
N LYS A 818 18.78 -0.87 29.03
CA LYS A 818 17.51 -0.49 29.63
C LYS A 818 17.37 -1.03 31.06
N LEU A 819 17.63 -2.33 31.24
CA LEU A 819 17.45 -2.98 32.53
C LEU A 819 18.53 -2.52 33.52
N LYS A 820 19.78 -2.37 33.06
CA LYS A 820 20.88 -1.96 33.92
C LYS A 820 20.64 -0.55 34.44
N LYS A 821 20.11 0.33 33.57
CA LYS A 821 19.72 1.67 33.96
C LYS A 821 18.59 1.60 35.00
N LEU A 822 17.58 0.76 34.73
CA LEU A 822 16.40 0.66 35.58
C LEU A 822 16.76 0.13 36.97
N ILE A 823 17.68 -0.84 37.05
CA ILE A 823 18.05 -1.44 38.32
C ILE A 823 18.81 -0.44 39.18
N ASN A 824 19.71 0.35 38.57
CA ASN A 824 20.52 1.32 39.29
C ASN A 824 19.65 2.48 39.79
N LYS A 825 18.75 2.99 38.93
CA LYS A 825 17.88 4.10 39.30
C LYS A 825 16.76 3.62 40.23
N SER A 826 15.94 2.67 39.73
CA SER A 826 14.62 2.41 40.29
C SER A 826 14.39 0.91 40.43
N PRO A 827 15.08 0.20 41.37
CA PRO A 827 14.85 -1.24 41.54
C PRO A 827 13.41 -1.54 41.96
N GLU A 828 12.80 -0.60 42.71
CA GLU A 828 11.44 -0.76 43.21
C GLU A 828 10.39 -0.68 42.09
N LYS A 829 10.76 -0.30 40.86
CA LYS A 829 9.79 -0.25 39.78
C LYS A 829 9.51 -1.63 39.19
N LEU A 830 10.39 -2.61 39.42
CA LEU A 830 10.20 -3.97 38.93
C LEU A 830 9.10 -4.66 39.75
N LEU A 831 8.23 -5.43 39.10
CA LEU A 831 7.18 -6.13 39.83
C LEU A 831 7.81 -7.28 40.61
N MET A 832 8.86 -7.90 40.07
CA MET A 832 9.51 -9.04 40.72
C MET A 832 10.34 -8.57 41.92
N TYR A 833 10.61 -7.27 42.04
CA TYR A 833 11.21 -6.73 43.25
C TYR A 833 10.31 -7.06 44.44
N HIS A 834 8.99 -6.92 44.23
CA HIS A 834 8.01 -7.12 45.27
C HIS A 834 7.61 -8.58 45.37
N HIS A 835 7.51 -9.26 44.21
CA HIS A 835 6.75 -10.49 44.10
C HIS A 835 7.64 -11.73 44.00
N ASP A 836 8.83 -11.60 43.40
CA ASP A 836 9.77 -12.71 43.33
C ASP A 836 11.12 -12.23 43.87
N PRO A 837 11.23 -11.88 45.19
CA PRO A 837 12.47 -11.34 45.74
C PRO A 837 13.70 -12.22 45.49
N GLN A 838 13.51 -13.54 45.49
CA GLN A 838 14.61 -14.49 45.32
C GLN A 838 15.17 -14.40 43.91
N THR A 839 14.30 -14.25 42.91
CA THR A 839 14.76 -14.08 41.52
C THR A 839 15.37 -12.70 41.35
N TYR A 840 14.91 -11.70 42.12
CA TYR A 840 15.48 -10.36 42.05
C TYR A 840 16.91 -10.40 42.56
N GLN A 841 17.14 -10.94 43.76
CA GLN A 841 18.48 -11.04 44.32
C GLN A 841 19.40 -11.81 43.38
N LYS A 842 18.84 -12.83 42.69
CA LYS A 842 19.60 -13.64 41.75
C LYS A 842 20.04 -12.83 40.52
N LEU A 843 19.19 -11.88 40.09
CA LEU A 843 19.48 -11.03 38.95
C LEU A 843 20.49 -9.93 39.33
N LYS A 844 20.42 -9.43 40.57
CA LYS A 844 21.30 -8.35 41.02
C LYS A 844 22.75 -8.83 41.06
N LEU A 845 22.97 -10.11 41.41
CA LEU A 845 24.33 -10.66 41.47
C LEU A 845 24.95 -10.69 40.07
N ILE A 846 24.12 -10.83 39.02
CA ILE A 846 24.61 -10.82 37.65
C ILE A 846 25.01 -9.38 37.30
N MET A 847 24.13 -8.41 37.59
CA MET A 847 24.37 -7.01 37.24
C MET A 847 25.66 -6.51 37.91
N GLU A 848 25.91 -6.98 39.15
CA GLU A 848 27.13 -6.62 39.88
C GLU A 848 28.34 -7.32 39.26
N GLN A 849 28.19 -8.60 38.87
CA GLN A 849 29.27 -9.38 38.30
C GLN A 849 29.80 -8.75 37.01
N TYR A 850 28.90 -8.43 36.07
CA TYR A 850 29.30 -7.90 34.76
C TYR A 850 28.81 -6.46 34.62
N GLY A 851 29.12 -5.63 35.62
CA GLY A 851 28.71 -4.24 35.66
C GLY A 851 29.31 -3.41 34.52
N ASP A 852 30.59 -3.67 34.19
CA ASP A 852 31.37 -2.83 33.28
C ASP A 852 30.77 -2.74 31.87
N GLU A 853 30.05 -3.79 31.43
CA GLU A 853 29.47 -3.84 30.10
C GLU A 853 28.15 -3.06 30.05
N LYS A 854 27.61 -2.89 28.84
CA LYS A 854 26.30 -2.26 28.66
C LYS A 854 25.21 -3.15 29.26
N ASN A 855 25.22 -4.43 28.86
CA ASN A 855 24.18 -5.40 29.22
C ASN A 855 24.83 -6.56 29.97
N PRO A 856 24.90 -6.52 31.33
CA PRO A 856 25.34 -7.68 32.12
C PRO A 856 24.81 -9.05 31.71
N LEU A 857 23.55 -9.13 31.25
CA LEU A 857 22.93 -10.39 30.86
C LEU A 857 23.56 -10.94 29.58
N TYR A 858 23.99 -10.05 28.67
CA TYR A 858 24.67 -10.48 27.46
C TYR A 858 25.91 -11.28 27.83
N LYS A 859 26.73 -10.78 28.77
CA LYS A 859 27.90 -11.51 29.22
C LYS A 859 27.50 -12.83 29.90
N TYR A 860 26.40 -12.81 30.67
CA TYR A 860 25.91 -14.02 31.29
C TYR A 860 25.61 -15.07 30.22
N TYR A 861 24.99 -14.65 29.10
CA TYR A 861 24.67 -15.57 28.02
C TYR A 861 25.93 -15.97 27.27
N GLU A 862 26.87 -15.04 27.10
CA GLU A 862 28.08 -15.28 26.31
C GLU A 862 29.00 -16.26 27.03
N GLU A 863 29.28 -16.00 28.32
CA GLU A 863 30.30 -16.73 29.06
C GLU A 863 29.81 -18.12 29.44
N THR A 864 28.59 -18.23 30.01
CA THR A 864 28.10 -19.49 30.54
C THR A 864 27.32 -20.25 29.46
N GLY A 865 26.55 -19.52 28.63
CA GLY A 865 25.76 -20.14 27.57
C GLY A 865 24.43 -20.64 28.10
N ASN A 866 23.74 -19.81 28.89
CA ASN A 866 22.49 -20.19 29.52
C ASN A 866 21.71 -18.93 29.93
N TYR A 867 20.44 -18.85 29.50
CA TYR A 867 19.56 -17.74 29.83
C TYR A 867 19.24 -17.76 31.32
N LEU A 868 18.85 -16.60 31.86
CA LEU A 868 18.57 -16.44 33.28
C LEU A 868 17.22 -17.11 33.58
N THR A 869 17.22 -17.97 34.60
CA THR A 869 16.01 -18.69 34.98
C THR A 869 15.51 -18.15 36.31
N LYS A 870 14.17 -18.25 36.49
CA LYS A 870 13.52 -17.93 37.75
C LYS A 870 14.19 -18.74 38.86
N TYR A 871 14.21 -18.19 40.08
CA TYR A 871 14.77 -18.93 41.20
C TYR A 871 13.96 -20.20 41.44
N SER A 872 14.66 -21.31 41.72
CA SER A 872 14.06 -22.58 42.08
C SER A 872 15.05 -23.41 42.91
N LYS A 873 14.52 -24.30 43.75
CA LYS A 873 15.31 -25.10 44.67
C LYS A 873 16.09 -26.20 43.94
N LYS A 874 15.60 -26.66 42.78
CA LYS A 874 16.19 -27.78 42.05
C LYS A 874 16.70 -27.37 40.66
N ASP A 875 16.84 -26.05 40.43
CA ASP A 875 17.23 -25.52 39.12
C ASP A 875 16.32 -26.09 38.04
N ASN A 876 15.02 -25.75 38.12
CA ASN A 876 14.03 -26.09 37.10
C ASN A 876 13.01 -24.96 36.93
N GLY A 877 13.37 -23.71 37.25
CA GLY A 877 12.51 -22.57 36.99
C GLY A 877 12.57 -22.20 35.51
N PRO A 878 11.57 -21.50 34.90
CA PRO A 878 11.64 -21.17 33.49
C PRO A 878 12.58 -20.01 33.19
N VAL A 879 12.98 -19.90 31.92
CA VAL A 879 13.78 -18.79 31.43
C VAL A 879 13.00 -17.50 31.68
N ILE A 880 13.73 -16.39 31.88
CA ILE A 880 13.14 -15.06 31.91
C ILE A 880 13.41 -14.42 30.54
N LYS A 881 12.34 -13.94 29.88
CA LYS A 881 12.41 -13.40 28.53
C LYS A 881 11.87 -11.97 28.48
N LYS A 882 10.92 -11.62 29.36
CA LYS A 882 10.46 -10.24 29.51
C LYS A 882 10.34 -9.94 30.99
N ILE A 883 10.47 -8.66 31.35
CA ILE A 883 10.33 -8.22 32.73
C ILE A 883 9.33 -7.07 32.75
N LYS A 884 8.29 -7.19 33.60
CA LYS A 884 7.29 -6.14 33.76
C LYS A 884 7.72 -5.17 34.85
N TYR A 885 7.54 -3.86 34.59
CA TYR A 885 7.86 -2.84 35.57
C TYR A 885 6.80 -1.74 35.50
N TYR A 886 6.68 -0.95 36.58
CA TYR A 886 5.68 0.10 36.69
C TYR A 886 6.12 1.30 35.86
N GLY A 887 5.23 1.79 34.98
CA GLY A 887 5.51 2.93 34.14
C GLY A 887 4.74 4.17 34.58
N ASN A 888 4.24 4.93 33.60
CA ASN A 888 3.67 6.25 33.84
C ASN A 888 2.35 6.13 34.60
N LYS A 889 1.96 7.23 35.25
CA LYS A 889 0.67 7.31 35.90
C LYS A 889 -0.43 7.36 34.85
N LEU A 890 -1.64 6.90 35.20
CA LEU A 890 -2.76 6.83 34.29
C LEU A 890 -3.65 8.06 34.47
N ASN A 891 -3.80 8.88 33.41
CA ASN A 891 -4.74 9.98 33.38
C ASN A 891 -5.69 9.77 32.19
N ALA A 892 -5.33 10.31 31.01
CA ALA A 892 -6.22 10.32 29.85
C ALA A 892 -6.15 8.99 29.14
N HIS A 893 -7.26 8.23 29.16
CA HIS A 893 -7.25 6.88 28.62
C HIS A 893 -8.64 6.49 28.10
N LEU A 894 -8.70 5.37 27.36
CA LEU A 894 -9.97 4.73 27.05
C LEU A 894 -10.01 3.38 27.75
N ASP A 895 -11.11 3.12 28.48
CA ASP A 895 -11.23 1.95 29.33
C ASP A 895 -11.96 0.83 28.60
N ILE A 896 -11.28 -0.30 28.38
CA ILE A 896 -11.81 -1.41 27.59
C ILE A 896 -11.93 -2.66 28.49
N THR A 897 -12.14 -2.45 29.79
CA THR A 897 -12.02 -3.51 30.78
C THR A 897 -13.25 -4.42 30.77
N ASP A 898 -14.37 -3.97 30.19
CA ASP A 898 -15.60 -4.75 30.16
C ASP A 898 -15.54 -5.86 29.11
N ASP A 899 -14.56 -5.78 28.21
CA ASP A 899 -14.28 -6.87 27.26
C ASP A 899 -13.57 -8.04 27.95
N TYR A 900 -13.11 -7.87 29.19
CA TYR A 900 -12.33 -8.87 29.91
C TYR A 900 -13.05 -9.22 31.21
N PRO A 901 -14.08 -10.10 31.20
CA PRO A 901 -14.85 -10.39 32.41
C PRO A 901 -14.01 -10.91 33.59
N ASN A 902 -14.18 -10.26 34.76
CA ASN A 902 -13.48 -10.55 36.01
C ASN A 902 -12.02 -10.09 35.98
N SER A 903 -11.64 -9.15 35.11
CA SER A 903 -10.29 -8.60 35.15
C SER A 903 -10.10 -7.89 36.49
N ARG A 904 -9.03 -8.22 37.23
CA ARG A 904 -8.78 -7.62 38.54
C ARG A 904 -8.35 -6.17 38.37
N ASN A 905 -7.36 -5.92 37.51
CA ASN A 905 -6.86 -4.58 37.24
C ASN A 905 -7.67 -3.99 36.08
N LYS A 906 -7.21 -2.85 35.54
CA LYS A 906 -7.92 -2.11 34.51
C LYS A 906 -7.19 -2.32 33.18
N VAL A 907 -7.95 -2.49 32.08
CA VAL A 907 -7.39 -2.68 30.75
C VAL A 907 -7.72 -1.43 29.93
N VAL A 908 -6.70 -0.80 29.31
CA VAL A 908 -6.87 0.52 28.72
C VAL A 908 -6.17 0.65 27.35
N LYS A 909 -6.60 1.67 26.58
CA LYS A 909 -5.93 2.15 25.39
C LYS A 909 -5.55 3.62 25.59
N LEU A 910 -4.57 4.12 24.82
CA LEU A 910 -4.00 5.45 24.99
C LEU A 910 -3.97 6.23 23.67
N SER A 911 -3.78 7.56 23.76
CA SER A 911 -3.76 8.51 22.65
C SER A 911 -5.17 8.73 22.11
N LEU A 912 -5.97 9.47 22.88
CA LEU A 912 -7.29 9.91 22.43
C LEU A 912 -7.03 11.00 21.39
N LYS A 913 -7.43 10.74 20.14
CA LYS A 913 -7.07 11.59 19.02
C LYS A 913 -8.14 12.67 18.84
N PRO A 914 -7.78 13.98 18.71
CA PRO A 914 -8.77 15.04 18.78
C PRO A 914 -9.55 15.30 17.49
N TYR A 915 -10.82 15.69 17.63
CA TYR A 915 -11.64 16.13 16.52
C TYR A 915 -11.54 17.65 16.42
N ARG A 916 -11.85 18.35 17.53
CA ARG A 916 -11.78 19.80 17.59
C ARG A 916 -11.76 20.25 19.06
N PHE A 917 -11.60 21.57 19.31
CA PHE A 917 -11.84 22.13 20.63
C PHE A 917 -12.65 23.41 20.51
N ASP A 918 -13.65 23.55 21.41
CA ASP A 918 -14.63 24.63 21.44
C ASP A 918 -14.35 25.59 22.59
N VAL A 919 -13.97 26.84 22.26
CA VAL A 919 -13.60 27.85 23.25
C VAL A 919 -14.87 28.54 23.77
N TYR A 920 -14.87 28.85 25.08
CA TYR A 920 -15.96 29.52 25.78
C TYR A 920 -15.42 30.69 26.58
N LEU A 921 -16.16 31.78 26.67
CA LEU A 921 -15.76 32.90 27.50
C LEU A 921 -16.71 32.97 28.69
N ASP A 922 -16.16 32.74 29.90
CA ASP A 922 -16.95 32.51 31.10
C ASP A 922 -16.52 33.49 32.19
N ASN A 923 -17.36 34.52 32.42
CA ASN A 923 -17.11 35.54 33.41
C ASN A 923 -15.70 36.10 33.23
N GLY A 924 -15.33 36.42 31.99
CA GLY A 924 -14.04 37.01 31.68
C GLY A 924 -12.88 36.00 31.62
N VAL A 925 -13.17 34.70 31.76
CA VAL A 925 -12.14 33.68 31.73
C VAL A 925 -12.34 32.82 30.48
N TYR A 926 -11.27 32.71 29.65
CA TYR A 926 -11.31 31.84 28.49
C TYR A 926 -11.14 30.39 28.98
N LYS A 927 -11.94 29.49 28.41
CA LYS A 927 -11.94 28.07 28.74
C LYS A 927 -12.14 27.29 27.44
N PHE A 928 -11.82 25.99 27.44
CA PHE A 928 -12.10 25.20 26.25
C PHE A 928 -12.40 23.74 26.61
N VAL A 929 -13.18 23.11 25.73
CA VAL A 929 -13.51 21.70 25.77
C VAL A 929 -12.79 21.03 24.62
N LYS A 930 -12.19 19.86 24.86
CA LYS A 930 -11.74 18.99 23.78
C LYS A 930 -12.91 18.08 23.40
N VAL A 931 -13.23 17.99 22.09
CA VAL A 931 -14.16 17.01 21.57
C VAL A 931 -13.31 15.89 20.95
N ASN A 932 -13.40 14.67 21.47
CA ASN A 932 -12.62 13.56 20.94
C ASN A 932 -13.32 12.99 19.70
N ASN A 933 -12.57 12.30 18.83
CA ASN A 933 -13.20 11.56 17.74
C ASN A 933 -14.12 10.48 18.33
N LEU A 934 -13.75 9.92 19.50
CA LEU A 934 -14.62 8.99 20.21
C LEU A 934 -15.96 9.64 20.57
N ASP A 935 -16.00 10.98 20.70
CA ASP A 935 -17.22 11.66 21.10
C ASP A 935 -18.20 11.84 19.92
N VAL A 936 -17.82 11.41 18.70
CA VAL A 936 -18.60 11.64 17.49
C VAL A 936 -19.08 10.29 16.94
N ILE A 937 -20.38 10.16 16.62
CA ILE A 937 -21.00 8.86 16.37
C ILE A 937 -21.83 8.91 15.08
N LYS A 938 -21.62 7.90 14.21
CA LYS A 938 -22.34 7.81 12.96
C LYS A 938 -23.80 7.42 13.24
N LYS A 939 -24.73 8.12 12.56
CA LYS A 939 -26.13 7.76 12.55
C LYS A 939 -26.46 7.31 11.12
N GLU A 940 -27.64 7.67 10.60
CA GLU A 940 -28.14 7.12 9.34
C GLU A 940 -27.28 7.63 8.18
N ASN A 941 -27.24 8.96 7.97
CA ASN A 941 -26.46 9.57 6.91
C ASN A 941 -25.63 10.74 7.43
N TYR A 942 -25.48 10.85 8.76
CA TYR A 942 -24.82 11.98 9.38
C TYR A 942 -24.08 11.51 10.63
N TYR A 943 -23.12 12.33 11.06
CA TYR A 943 -22.42 12.13 12.31
C TYR A 943 -23.04 13.04 13.36
N GLU A 944 -22.98 12.63 14.62
CA GLU A 944 -23.47 13.44 15.71
C GLU A 944 -22.44 13.50 16.83
N VAL A 945 -22.18 14.72 17.33
CA VAL A 945 -21.41 14.89 18.56
C VAL A 945 -22.31 14.41 19.69
N ASN A 946 -21.77 13.56 20.58
CA ASN A 946 -22.54 12.96 21.66
C ASN A 946 -22.82 14.01 22.74
N SER A 947 -24.11 14.16 23.10
CA SER A 947 -24.54 15.22 24.00
C SER A 947 -24.09 14.97 25.44
N LYS A 948 -24.19 13.71 25.90
CA LYS A 948 -23.82 13.35 27.28
C LYS A 948 -22.33 13.54 27.49
N CYS A 949 -21.51 13.03 26.57
CA CYS A 949 -20.06 13.21 26.64
C CYS A 949 -19.68 14.69 26.66
N TYR A 950 -20.46 15.51 25.93
CA TYR A 950 -20.15 16.93 25.79
C TYR A 950 -20.50 17.70 27.07
N GLU A 951 -21.67 17.43 27.68
CA GLU A 951 -22.05 18.12 28.91
C GLU A 951 -21.16 17.68 30.07
N GLU A 952 -20.77 16.39 30.08
CA GLU A 952 -19.82 15.89 31.05
C GLU A 952 -18.49 16.63 30.92
N ALA A 953 -18.03 16.84 29.67
CA ALA A 953 -16.75 17.48 29.41
C ALA A 953 -16.74 18.93 29.93
N LYS A 954 -17.83 19.67 29.70
CA LYS A 954 -17.98 21.04 30.19
C LYS A 954 -17.94 21.10 31.72
N LYS A 955 -18.48 20.07 32.39
CA LYS A 955 -18.54 20.04 33.85
C LYS A 955 -17.14 19.88 34.45
N LEU A 956 -16.29 19.02 33.85
CA LEU A 956 -14.92 18.86 34.31
C LEU A 956 -14.12 20.15 34.09
N LYS A 957 -14.54 20.95 33.09
CA LYS A 957 -13.90 22.23 32.80
C LYS A 957 -14.56 23.37 33.57
N LYS A 958 -15.65 23.09 34.30
CA LYS A 958 -16.32 24.08 35.13
C LYS A 958 -16.83 25.24 34.27
N ILE A 959 -17.38 24.93 33.09
CA ILE A 959 -17.91 25.95 32.18
C ILE A 959 -19.38 26.13 32.54
N SER A 960 -19.76 27.38 32.85
CA SER A 960 -21.08 27.70 33.35
C SER A 960 -22.14 27.57 32.26
N ASN A 961 -23.41 27.61 32.67
CA ASN A 961 -24.54 27.63 31.73
C ASN A 961 -24.72 29.04 31.17
N GLN A 962 -24.07 30.04 31.78
CA GLN A 962 -24.15 31.43 31.33
C GLN A 962 -22.83 31.84 30.66
N ALA A 963 -22.19 30.91 29.93
CA ALA A 963 -20.91 31.15 29.27
C ALA A 963 -21.14 31.24 27.77
N GLU A 964 -20.51 32.24 27.14
CA GLU A 964 -20.68 32.52 25.72
C GLU A 964 -19.73 31.63 24.92
N PHE A 965 -20.27 30.90 23.93
CA PHE A 965 -19.47 30.14 22.99
C PHE A 965 -18.78 31.14 22.05
N ILE A 966 -17.47 30.95 21.84
CA ILE A 966 -16.70 31.85 21.01
C ILE A 966 -16.52 31.21 19.63
N ALA A 967 -15.96 29.98 19.57
CA ALA A 967 -15.59 29.37 18.30
C ALA A 967 -15.26 27.90 18.48
N SER A 968 -15.13 27.18 17.34
CA SER A 968 -14.62 25.82 17.28
C SER A 968 -13.37 25.80 16.41
N PHE A 969 -12.31 25.12 16.88
CA PHE A 969 -11.03 25.09 16.17
C PHE A 969 -10.70 23.66 15.73
N TYR A 970 -10.64 23.47 14.40
CA TYR A 970 -10.24 22.21 13.78
C TYR A 970 -8.74 22.26 13.49
N ARG A 971 -8.18 21.15 13.01
CA ARG A 971 -6.77 21.08 12.66
C ARG A 971 -6.49 22.06 11.53
N ASN A 972 -5.45 22.90 11.72
CA ASN A 972 -5.04 23.94 10.78
C ASN A 972 -5.96 25.15 10.80
N ASP A 973 -7.04 25.15 11.59
CA ASP A 973 -7.80 26.39 11.78
C ASP A 973 -6.85 27.46 12.32
N LEU A 974 -7.14 28.72 12.02
CA LEU A 974 -6.28 29.83 12.40
C LEU A 974 -6.79 30.48 13.67
N ILE A 975 -5.88 30.76 14.62
CA ILE A 975 -6.24 31.28 15.93
C ILE A 975 -5.32 32.43 16.29
N LYS A 976 -5.91 33.52 16.80
CA LYS A 976 -5.16 34.67 17.25
C LYS A 976 -5.24 34.73 18.77
N ILE A 977 -4.13 34.40 19.44
CA ILE A 977 -4.05 34.35 20.90
C ILE A 977 -3.23 35.53 21.37
N ASN A 978 -3.83 36.41 22.18
CA ASN A 978 -3.21 37.63 22.66
C ASN A 978 -2.56 38.37 21.50
N GLY A 979 -3.32 38.52 20.39
CA GLY A 979 -2.88 39.31 19.24
C GLY A 979 -1.84 38.63 18.34
N GLU A 980 -1.56 37.33 18.52
CA GLU A 980 -0.57 36.62 17.70
C GLU A 980 -1.24 35.48 16.96
N LEU A 981 -1.13 35.46 15.62
CA LEU A 981 -1.83 34.49 14.79
C LEU A 981 -0.99 33.22 14.64
N TYR A 982 -1.64 32.07 14.75
CA TYR A 982 -1.01 30.77 14.58
C TYR A 982 -1.99 29.83 13.89
N ARG A 983 -1.52 28.64 13.51
CA ARG A 983 -2.43 27.59 13.08
C ARG A 983 -2.46 26.49 14.14
N VAL A 984 -3.66 25.92 14.36
CA VAL A 984 -3.91 24.93 15.38
C VAL A 984 -3.35 23.58 14.95
N ILE A 985 -2.69 22.86 15.88
CA ILE A 985 -2.34 21.47 15.68
C ILE A 985 -3.29 20.62 16.51
N GLY A 986 -3.41 20.90 17.81
CA GLY A 986 -4.25 20.11 18.68
C GLY A 986 -4.20 20.58 20.13
N VAL A 987 -4.74 19.73 21.01
CA VAL A 987 -4.81 19.95 22.44
C VAL A 987 -3.67 19.14 23.06
N ALA A 988 -2.61 19.82 23.50
CA ALA A 988 -1.48 19.15 24.12
C ALA A 988 -1.97 18.44 25.38
N SER A 989 -2.64 19.19 26.27
CA SER A 989 -3.16 18.65 27.50
C SER A 989 -4.53 19.27 27.79
N ASP A 990 -5.58 18.44 27.69
CA ASP A 990 -6.92 18.83 28.07
C ASP A 990 -6.90 19.33 29.51
N LEU A 991 -6.29 18.53 30.39
CA LEU A 991 -6.29 18.76 31.83
C LEU A 991 -5.62 20.09 32.21
N LEU A 992 -4.45 20.39 31.62
CA LEU A 992 -3.70 21.60 31.93
C LEU A 992 -4.15 22.79 31.09
N ASN A 993 -4.99 22.55 30.06
CA ASN A 993 -5.55 23.56 29.19
C ASN A 993 -4.47 24.14 28.28
N ALA A 994 -3.74 23.25 27.58
CA ALA A 994 -2.71 23.65 26.65
C ALA A 994 -3.09 23.21 25.24
N ILE A 995 -2.73 24.03 24.25
CA ILE A 995 -3.00 23.72 22.85
C ILE A 995 -1.69 23.88 22.07
N GLU A 996 -1.39 22.90 21.20
CA GLU A 996 -0.23 22.94 20.35
C GLU A 996 -0.59 23.71 19.08
N VAL A 997 0.26 24.68 18.72
CA VAL A 997 0.04 25.51 17.54
C VAL A 997 1.28 25.42 16.66
N ASN A 998 1.21 26.03 15.47
CA ASN A 998 2.38 26.19 14.61
C ASN A 998 2.34 27.59 14.00
N MET A 999 3.48 28.01 13.41
CA MET A 999 3.57 29.28 12.69
C MET A 999 2.97 29.09 11.29
N ILE A 1000 2.72 30.21 10.59
CA ILE A 1000 1.95 30.22 9.36
C ILE A 1000 2.83 30.25 8.11
N ASP A 1001 3.83 31.16 8.10
CA ASP A 1001 4.67 31.42 6.94
C ASP A 1001 5.86 30.47 6.88
N ILE A 1002 6.14 29.80 8.00
CA ILE A 1002 7.29 28.92 8.17
C ILE A 1002 6.94 27.92 9.28
N THR A 1003 7.54 26.72 9.25
CA THR A 1003 7.44 25.80 10.37
C THR A 1003 8.35 26.31 11.49
N TYR A 1004 7.90 26.19 12.74
CA TYR A 1004 8.63 26.70 13.90
C TYR A 1004 10.01 26.04 14.02
N ARG A 1005 10.09 24.75 13.65
CA ARG A 1005 11.35 24.04 13.54
C ARG A 1005 12.37 24.88 12.74
N GLU A 1006 11.98 25.29 11.53
CA GLU A 1006 12.88 26.00 10.62
C GLU A 1006 13.15 27.41 11.12
N TYR A 1007 12.16 28.06 11.74
CA TYR A 1007 12.33 29.37 12.35
C TYR A 1007 13.47 29.34 13.38
N LEU A 1008 13.55 28.24 14.16
CA LEU A 1008 14.59 28.08 15.16
C LEU A 1008 15.93 27.73 14.50
N GLU A 1009 15.92 26.93 13.42
CA GLU A 1009 17.16 26.55 12.74
C GLU A 1009 17.84 27.77 12.12
N ASN A 1010 17.09 28.63 11.42
CA ASN A 1010 17.67 29.81 10.77
C ASN A 1010 18.23 30.77 11.81
N MET A 1011 17.63 30.77 13.02
CA MET A 1011 18.10 31.58 14.12
C MET A 1011 19.35 30.96 14.77
N ASN A 1012 19.56 29.65 14.56
CA ASN A 1012 20.48 28.83 15.34
C ASN A 1012 20.09 28.97 16.82
N ASP A 1013 18.89 28.47 17.13
CA ASP A 1013 18.40 28.32 18.50
C ASP A 1013 18.22 26.82 18.74
N LYS A 1014 18.44 26.39 20.00
CA LYS A 1014 18.39 24.99 20.38
C LYS A 1014 17.34 24.80 21.48
N ARG A 1015 16.13 25.29 21.23
CA ARG A 1015 14.97 25.02 22.06
C ARG A 1015 14.33 23.73 21.55
N PRO A 1016 13.30 23.14 22.21
CA PRO A 1016 12.43 22.18 21.53
C PRO A 1016 11.66 22.85 20.39
N PRO A 1017 11.48 22.21 19.21
CA PRO A 1017 10.77 22.85 18.11
C PRO A 1017 9.25 22.67 18.13
N ARG A 1018 8.61 22.98 19.27
CA ARG A 1018 7.15 22.88 19.39
C ARG A 1018 6.64 24.06 20.23
N ILE A 1019 5.52 24.64 19.80
CA ILE A 1019 4.87 25.74 20.50
C ILE A 1019 3.67 25.16 21.25
N PHE A 1020 3.55 25.52 22.54
CA PHE A 1020 2.41 25.18 23.37
C PHE A 1020 1.90 26.47 23.99
N LYS A 1021 0.58 26.62 24.03
CA LYS A 1021 -0.06 27.84 24.51
C LYS A 1021 -1.11 27.44 25.55
N THR A 1022 -1.02 28.05 26.74
CA THR A 1022 -1.95 27.75 27.81
C THR A 1022 -3.10 28.75 27.74
N ILE A 1023 -4.34 28.26 27.86
CA ILE A 1023 -5.52 29.09 27.85
C ILE A 1023 -6.01 29.18 29.29
N SER A 1024 -6.05 30.40 29.83
CA SER A 1024 -6.15 30.61 31.27
C SER A 1024 -6.81 31.94 31.60
N SER A 1025 -6.89 32.27 32.90
CA SER A 1025 -7.34 33.57 33.36
C SER A 1025 -6.42 34.68 32.86
N LYS A 1026 -5.17 34.34 32.53
CA LYS A 1026 -4.19 35.30 32.01
C LYS A 1026 -4.50 35.67 30.55
N THR A 1027 -5.15 34.77 29.79
CA THR A 1027 -5.41 34.98 28.36
C THR A 1027 -6.45 36.09 28.19
N GLN A 1028 -6.17 37.00 27.24
CA GLN A 1028 -6.82 38.29 27.14
C GLN A 1028 -7.81 38.33 25.98
N SER A 1029 -7.47 37.73 24.84
CA SER A 1029 -8.38 37.61 23.72
C SER A 1029 -8.08 36.36 22.90
N ILE A 1030 -9.14 35.66 22.47
CA ILE A 1030 -9.06 34.59 21.50
C ILE A 1030 -10.03 34.96 20.36
N LYS A 1031 -9.49 34.99 19.13
CA LYS A 1031 -10.28 35.24 17.94
C LYS A 1031 -9.96 34.17 16.90
N LYS A 1032 -10.97 33.76 16.14
CA LYS A 1032 -10.79 32.83 15.04
C LYS A 1032 -10.62 33.64 13.76
N TYR A 1033 -9.68 33.20 12.90
CA TYR A 1033 -9.53 33.76 11.56
C TYR A 1033 -9.72 32.63 10.55
N SER A 1034 -9.86 33.00 9.27
CA SER A 1034 -10.00 32.04 8.18
C SER A 1034 -9.44 32.62 6.88
N THR A 1035 -8.90 31.77 6.00
CA THR A 1035 -8.44 32.21 4.69
C THR A 1035 -9.25 31.51 3.60
N ASP A 1036 -9.47 32.21 2.49
CA ASP A 1036 -9.97 31.59 1.26
C ASP A 1036 -8.84 30.75 0.66
N ILE A 1037 -9.09 30.06 -0.47
CA ILE A 1037 -8.08 29.20 -1.08
C ILE A 1037 -6.87 30.03 -1.50
N LEU A 1038 -7.06 31.32 -1.82
CA LEU A 1038 -5.96 32.14 -2.28
C LEU A 1038 -5.10 32.65 -1.12
N GLY A 1039 -5.64 32.66 0.11
CA GLY A 1039 -4.89 33.07 1.28
C GLY A 1039 -5.28 34.45 1.79
N ASN A 1040 -6.31 35.06 1.18
CA ASN A 1040 -6.94 36.24 1.74
C ASN A 1040 -7.49 35.90 3.12
N LEU A 1041 -7.12 36.71 4.12
CA LEU A 1041 -7.35 36.44 5.53
C LEU A 1041 -8.57 37.22 6.02
N TYR A 1042 -9.40 36.59 6.86
CA TYR A 1042 -10.62 37.21 7.36
C TYR A 1042 -10.85 36.84 8.81
N GLU A 1043 -11.19 37.85 9.63
CA GLU A 1043 -11.70 37.62 10.97
C GLU A 1043 -13.14 37.14 10.78
N VAL A 1044 -13.45 35.94 11.28
CA VAL A 1044 -14.72 35.30 10.93
C VAL A 1044 -15.64 35.23 12.14
N LYS A 1045 -16.95 35.20 11.85
CA LYS A 1045 -17.99 35.13 12.86
C LYS A 1045 -18.39 33.66 13.02
N SER A 1046 -19.02 33.34 14.16
CA SER A 1046 -19.39 31.99 14.50
C SER A 1046 -20.89 31.95 14.81
N LYS A 1047 -21.45 30.73 14.83
CA LYS A 1047 -22.84 30.53 15.20
C LYS A 1047 -22.97 30.72 16.71
N LYS A 1048 -24.21 30.72 17.22
CA LYS A 1048 -24.48 30.94 18.63
C LYS A 1048 -24.15 29.70 19.45
N HIS A 1049 -24.27 28.50 18.85
CA HIS A 1049 -24.02 27.25 19.54
C HIS A 1049 -22.98 26.43 18.79
N PRO A 1050 -22.30 25.44 19.43
CA PRO A 1050 -21.49 24.47 18.69
C PRO A 1050 -22.30 23.62 17.72
N GLN A 1051 -21.60 23.05 16.73
CA GLN A 1051 -22.21 22.16 15.77
C GLN A 1051 -22.37 20.80 16.45
N ILE A 1052 -23.50 20.13 16.18
CA ILE A 1052 -23.76 18.79 16.69
C ILE A 1052 -23.87 17.83 15.51
N ILE A 1053 -24.64 18.19 14.48
CA ILE A 1053 -24.82 17.36 13.29
C ILE A 1053 -23.74 17.71 12.28
N LYS A 1054 -23.27 16.69 11.53
CA LYS A 1054 -22.31 16.87 10.46
C LYS A 1054 -22.72 15.92 9.33
N LYS A 1055 -23.33 16.47 8.27
CA LYS A 1055 -23.84 15.67 7.18
C LYS A 1055 -22.69 15.22 6.28
N GLY A 1056 -21.74 16.15 6.05
CA GLY A 1056 -20.54 15.91 5.28
C GLY A 1056 -20.08 17.19 4.59
#